data_2DES
# 
_entry.id   2DES 
# 
_audit_conform.dict_name       mmcif_pdbx.dic 
_audit_conform.dict_version    5.387 
_audit_conform.dict_location   http://mmcif.pdb.org/dictionaries/ascii/mmcif_pdbx.dic 
# 
loop_
_database_2.database_id 
_database_2.database_code 
_database_2.pdbx_database_accession 
_database_2.pdbx_DOI 
PDB   2DES         pdb_00002des 10.2210/pdb2des/pdb 
RCSB  DDF041       ?            ?                   
WWPDB D_1000177991 ?            ?                   
# 
loop_
_pdbx_audit_revision_history.ordinal 
_pdbx_audit_revision_history.data_content_type 
_pdbx_audit_revision_history.major_revision 
_pdbx_audit_revision_history.minor_revision 
_pdbx_audit_revision_history.revision_date 
1 'Structure model' 1 0 1993-07-15 
2 'Structure model' 1 1 2008-05-22 
3 'Structure model' 1 2 2011-07-13 
4 'Structure model' 1 3 2024-02-14 
# 
_pdbx_audit_revision_details.ordinal             1 
_pdbx_audit_revision_details.revision_ordinal    1 
_pdbx_audit_revision_details.data_content_type   'Structure model' 
_pdbx_audit_revision_details.provider            repository 
_pdbx_audit_revision_details.type                'Initial release' 
_pdbx_audit_revision_details.description         ? 
_pdbx_audit_revision_details.details             ? 
# 
loop_
_pdbx_audit_revision_group.ordinal 
_pdbx_audit_revision_group.revision_ordinal 
_pdbx_audit_revision_group.data_content_type 
_pdbx_audit_revision_group.group 
1 2 'Structure model' 'Version format compliance' 
2 3 'Structure model' 'Version format compliance' 
3 4 'Structure model' 'Data collection'           
4 4 'Structure model' 'Database references'       
5 4 'Structure model' 'Derived calculations'      
# 
loop_
_pdbx_audit_revision_category.ordinal 
_pdbx_audit_revision_category.revision_ordinal 
_pdbx_audit_revision_category.data_content_type 
_pdbx_audit_revision_category.category 
1 4 'Structure model' chem_comp_atom         
2 4 'Structure model' chem_comp_bond         
3 4 'Structure model' database_2             
4 4 'Structure model' pdbx_struct_conn_angle 
5 4 'Structure model' struct_conn            
6 4 'Structure model' struct_site            
# 
loop_
_pdbx_audit_revision_item.ordinal 
_pdbx_audit_revision_item.revision_ordinal 
_pdbx_audit_revision_item.data_content_type 
_pdbx_audit_revision_item.item 
1  4 'Structure model' '_database_2.pdbx_DOI'                        
2  4 'Structure model' '_database_2.pdbx_database_accession'         
3  4 'Structure model' '_pdbx_struct_conn_angle.ptnr1_auth_asym_id'  
4  4 'Structure model' '_pdbx_struct_conn_angle.ptnr1_auth_comp_id'  
5  4 'Structure model' '_pdbx_struct_conn_angle.ptnr1_auth_seq_id'   
6  4 'Structure model' '_pdbx_struct_conn_angle.ptnr1_label_asym_id' 
7  4 'Structure model' '_pdbx_struct_conn_angle.ptnr1_label_atom_id' 
8  4 'Structure model' '_pdbx_struct_conn_angle.ptnr1_label_comp_id' 
9  4 'Structure model' '_pdbx_struct_conn_angle.ptnr2_auth_comp_id'  
10 4 'Structure model' '_pdbx_struct_conn_angle.ptnr2_auth_seq_id'   
11 4 'Structure model' '_pdbx_struct_conn_angle.ptnr2_label_asym_id' 
12 4 'Structure model' '_pdbx_struct_conn_angle.ptnr2_label_atom_id' 
13 4 'Structure model' '_pdbx_struct_conn_angle.ptnr2_label_comp_id' 
14 4 'Structure model' '_pdbx_struct_conn_angle.ptnr3_auth_asym_id'  
15 4 'Structure model' '_pdbx_struct_conn_angle.ptnr3_auth_comp_id'  
16 4 'Structure model' '_pdbx_struct_conn_angle.ptnr3_auth_seq_id'   
17 4 'Structure model' '_pdbx_struct_conn_angle.ptnr3_label_asym_id' 
18 4 'Structure model' '_pdbx_struct_conn_angle.ptnr3_label_atom_id' 
19 4 'Structure model' '_pdbx_struct_conn_angle.ptnr3_label_comp_id' 
20 4 'Structure model' '_pdbx_struct_conn_angle.value'               
21 4 'Structure model' '_struct_conn.pdbx_dist_value'                
22 4 'Structure model' '_struct_conn.ptnr1_auth_asym_id'             
23 4 'Structure model' '_struct_conn.ptnr1_auth_comp_id'             
24 4 'Structure model' '_struct_conn.ptnr1_auth_seq_id'              
25 4 'Structure model' '_struct_conn.ptnr1_label_asym_id'            
26 4 'Structure model' '_struct_conn.ptnr1_label_atom_id'            
27 4 'Structure model' '_struct_conn.ptnr1_label_comp_id'            
28 4 'Structure model' '_struct_conn.ptnr1_label_seq_id'             
29 4 'Structure model' '_struct_conn.ptnr2_auth_asym_id'             
30 4 'Structure model' '_struct_conn.ptnr2_auth_comp_id'             
31 4 'Structure model' '_struct_conn.ptnr2_auth_seq_id'              
32 4 'Structure model' '_struct_conn.ptnr2_label_asym_id'            
33 4 'Structure model' '_struct_conn.ptnr2_label_atom_id'            
34 4 'Structure model' '_struct_conn.ptnr2_label_comp_id'            
35 4 'Structure model' '_struct_conn.ptnr2_label_seq_id'             
36 4 'Structure model' '_struct_site.pdbx_auth_asym_id'              
37 4 'Structure model' '_struct_site.pdbx_auth_comp_id'              
38 4 'Structure model' '_struct_site.pdbx_auth_seq_id'               
# 
_pdbx_database_status.status_code                     REL 
_pdbx_database_status.entry_id                        2DES 
_pdbx_database_status.recvd_initial_deposition_date   1993-03-16 
_pdbx_database_status.deposit_site                    BNL 
_pdbx_database_status.process_site                    NDB 
_pdbx_database_status.status_code_sf                  REL 
_pdbx_database_status.status_code_mr                  ? 
_pdbx_database_status.SG_entry                        ? 
_pdbx_database_status.pdb_format_compatible           Y 
_pdbx_database_status.status_code_cs                  ? 
_pdbx_database_status.status_code_nmr_data            ? 
_pdbx_database_status.methods_development_category    ? 
# 
loop_
_audit_author.name 
_audit_author.pdbx_ordinal 
'Cirilli, M.'      1 
'Bachechi, F.'     2 
'Ughetto, G.'      3 
'Colonna, F.P.'    4 
'Capobianco, M.L.' 5 
# 
loop_
_citation.id 
_citation.title 
_citation.journal_abbrev 
_citation.journal_volume 
_citation.page_first 
_citation.page_last 
_citation.year 
_citation.journal_id_ASTM 
_citation.country 
_citation.journal_id_ISSN 
_citation.journal_id_CSD 
_citation.book_publisher 
_citation.pdbx_database_id_PubMed 
_citation.pdbx_database_id_DOI 
primary 
'Interactions between morpholinyl anthracyclines and DNA. The crystal structure of a morpholino doxorubicin bound to d(CGTACG).' 
J.Mol.Biol.  230 878  889  1993 JMOBAK UK 0022-2836 0070 ? 8478940 10.1006/jmbi.1993.1208 
1       
;Interactions Between an Anthracycline Antibiotic and DNA: Molecular Structure of Daunomycin Complexed to d(CpGpTpApCpG) at 1.2-Angstroms Resolution
;
Biochemistry 26  1152 1163 1987 BICHAW US 0006-2960 0033 ? ?       ?                      
2       'Structure of 11-Deoxydaunomycin Bound to DNA Containing a Phosphorothioate' J.Mol.Biol.  215 313  320  1990 JMOBAK UK 
0022-2836 0070 ? ?       ?                      
# 
loop_
_citation_author.citation_id 
_citation_author.name 
_citation_author.ordinal 
_citation_author.identifier_ORCID 
primary 'Cirilli, M.'         1  ? 
primary 'Bachechi, F.'        2  ? 
primary 'Ughetto, G.'         3  ? 
primary 'Colonna, F.P.'       4  ? 
primary 'Capobianco, M.L.'    5  ? 
1       'Wang, A.-H.J.'       6  ? 
1       'Ughetto, G.'         7  ? 
1       'Quigley, G.J.'       8  ? 
1       'Rich, A.'            9  ? 
2       'Williams, L.D.'      10 ? 
2       'Egli, M.'            11 ? 
2       'Ughetto, G.'         12 ? 
2       'Van Der Marel, G.A.' 13 ? 
2       'Van Boom, J.H.'      14 ? 
2       'Quigley, G.J.'       15 ? 
2       'Wang, A.H.-J.'       16 ? 
2       'Rich, A.'            17 ? 
2       'Frederick, C.A.'     18 ? 
# 
loop_
_entity.id 
_entity.type 
_entity.src_method 
_entity.pdbx_description 
_entity.formula_weight 
_entity.pdbx_number_of_molecules 
_entity.pdbx_ec 
_entity.pdbx_mutation 
_entity.pdbx_fragment 
_entity.details 
1 polymer     syn 
;DNA (5'-D(*CP*GP*TP*AP*CP*G)-3')
;
1809.217 2  ? ? ? ? 
2 non-polymer syn "3'-DESAMINO-3'-(2-METHOXY-4-MORPHOLINYL)-DOXORUBICIN" 643.635  2  ? ? ? ? 
3 non-polymer syn 'SODIUM ION'                                           22.990   2  ? ? ? ? 
4 non-polymer syn 'MAGNESIUM ION'                                        24.305   1  ? ? ? ? 
5 water       nat water                                                  18.015   79 ? ? ? ? 
# 
_entity_poly.entity_id                      1 
_entity_poly.type                           polydeoxyribonucleotide 
_entity_poly.nstd_linkage                   no 
_entity_poly.nstd_monomer                   no 
_entity_poly.pdbx_seq_one_letter_code       '(DC)(DG)(DT)(DA)(DC)(DG)' 
_entity_poly.pdbx_seq_one_letter_code_can   CGTACG 
_entity_poly.pdbx_strand_id                 A,B 
_entity_poly.pdbx_target_identifier         ? 
# 
loop_
_pdbx_entity_nonpoly.entity_id 
_pdbx_entity_nonpoly.name 
_pdbx_entity_nonpoly.comp_id 
2 "3'-DESAMINO-3'-(2-METHOXY-4-MORPHOLINYL)-DOXORUBICIN" DMM 
3 'SODIUM ION'                                           NA  
4 'MAGNESIUM ION'                                        MG  
5 water                                                  HOH 
# 
loop_
_entity_poly_seq.entity_id 
_entity_poly_seq.num 
_entity_poly_seq.mon_id 
_entity_poly_seq.hetero 
1 1 DC n 
1 2 DG n 
1 3 DT n 
1 4 DA n 
1 5 DC n 
1 6 DG n 
# 
loop_
_chem_comp.id 
_chem_comp.type 
_chem_comp.mon_nstd_flag 
_chem_comp.name 
_chem_comp.pdbx_synonyms 
_chem_comp.formula 
_chem_comp.formula_weight 
DA  'DNA linking' y "2'-DEOXYADENOSINE-5'-MONOPHOSPHATE"                   ? 'C10 H14 N5 O6 P' 331.222 
DC  'DNA linking' y "2'-DEOXYCYTIDINE-5'-MONOPHOSPHATE"                    ? 'C9 H14 N3 O7 P'  307.197 
DG  'DNA linking' y "2'-DEOXYGUANOSINE-5'-MONOPHOSPHATE"                   ? 'C10 H14 N5 O7 P' 347.221 
DMM non-polymer   . "3'-DESAMINO-3'-(2-METHOXY-4-MORPHOLINYL)-DOXORUBICIN" ? 'C32 H37 N O13'   643.635 
DT  'DNA linking' y "THYMIDINE-5'-MONOPHOSPHATE"                           ? 'C10 H15 N2 O8 P' 322.208 
HOH non-polymer   . WATER                                                  ? 'H2 O'            18.015  
MG  non-polymer   . 'MAGNESIUM ION'                                        ? 'Mg 2'            24.305  
NA  non-polymer   . 'SODIUM ION'                                           ? 'Na 1'            22.990  
# 
loop_
_pdbx_poly_seq_scheme.asym_id 
_pdbx_poly_seq_scheme.entity_id 
_pdbx_poly_seq_scheme.seq_id 
_pdbx_poly_seq_scheme.mon_id 
_pdbx_poly_seq_scheme.ndb_seq_num 
_pdbx_poly_seq_scheme.pdb_seq_num 
_pdbx_poly_seq_scheme.auth_seq_num 
_pdbx_poly_seq_scheme.pdb_mon_id 
_pdbx_poly_seq_scheme.auth_mon_id 
_pdbx_poly_seq_scheme.pdb_strand_id 
_pdbx_poly_seq_scheme.pdb_ins_code 
_pdbx_poly_seq_scheme.hetero 
A 1 1 DC 1 1  1  DC C A . n 
A 1 2 DG 2 2  2  DG G A . n 
A 1 3 DT 3 3  3  DT T A . n 
A 1 4 DA 4 4  4  DA A A . n 
A 1 5 DC 5 5  5  DC C A . n 
A 1 6 DG 6 6  6  DG G A . n 
B 1 1 DC 1 7  7  DC C B . n 
B 1 2 DG 2 8  8  DG G B . n 
B 1 3 DT 3 9  9  DT T B . n 
B 1 4 DA 4 10 10 DA A B . n 
B 1 5 DC 5 11 11 DC C B . n 
B 1 6 DG 6 12 12 DG G B . n 
# 
loop_
_pdbx_nonpoly_scheme.asym_id 
_pdbx_nonpoly_scheme.entity_id 
_pdbx_nonpoly_scheme.mon_id 
_pdbx_nonpoly_scheme.ndb_seq_num 
_pdbx_nonpoly_scheme.pdb_seq_num 
_pdbx_nonpoly_scheme.auth_seq_num 
_pdbx_nonpoly_scheme.pdb_mon_id 
_pdbx_nonpoly_scheme.auth_mon_id 
_pdbx_nonpoly_scheme.pdb_strand_id 
_pdbx_nonpoly_scheme.pdb_ins_code 
C 2 DMM 1  13 13 DMM DMM A . 
D 2 DMM 1  14 14 DMM DMM A . 
E 3 NA  1  17 17 NA  NA  A . 
F 4 MG  1  15 15 MG  MG  B . 
G 3 NA  1  16 16 NA  NA  B . 
H 5 HOH 1  18 18 HOH HOH A . 
H 5 HOH 2  20 20 HOH HOH A . 
H 5 HOH 3  22 22 HOH HOH A . 
H 5 HOH 4  23 23 HOH HOH A . 
H 5 HOH 5  24 24 HOH HOH A . 
H 5 HOH 6  25 25 HOH HOH A . 
H 5 HOH 7  26 26 HOH HOH A . 
H 5 HOH 8  27 27 HOH HOH A . 
H 5 HOH 9  29 29 HOH HOH A . 
H 5 HOH 10 31 31 HOH HOH A . 
H 5 HOH 11 36 36 HOH HOH A . 
H 5 HOH 12 37 37 HOH HOH A . 
H 5 HOH 13 40 40 HOH HOH A . 
H 5 HOH 14 42 42 HOH HOH A . 
H 5 HOH 15 43 43 HOH HOH A . 
H 5 HOH 16 45 45 HOH HOH A . 
H 5 HOH 17 47 47 HOH HOH A . 
H 5 HOH 18 48 48 HOH HOH A . 
H 5 HOH 19 55 55 HOH HOH A . 
H 5 HOH 20 57 57 HOH HOH A . 
H 5 HOH 21 60 60 HOH HOH A . 
H 5 HOH 22 63 63 HOH HOH A . 
H 5 HOH 23 64 64 HOH HOH A . 
H 5 HOH 24 67 67 HOH HOH A . 
H 5 HOH 25 69 69 HOH HOH A . 
H 5 HOH 26 70 70 HOH HOH A . 
H 5 HOH 27 72 72 HOH HOH A . 
H 5 HOH 28 73 73 HOH HOH A . 
H 5 HOH 29 74 74 HOH HOH A . 
H 5 HOH 30 75 75 HOH HOH A . 
H 5 HOH 31 77 77 HOH HOH A . 
H 5 HOH 32 78 78 HOH HOH A . 
H 5 HOH 33 79 79 HOH HOH A . 
H 5 HOH 34 80 80 HOH HOH A . 
H 5 HOH 35 81 81 HOH HOH A . 
H 5 HOH 36 84 84 HOH HOH A . 
H 5 HOH 37 85 85 HOH HOH A . 
H 5 HOH 38 86 86 HOH HOH A . 
H 5 HOH 39 87 87 HOH HOH A . 
H 5 HOH 40 88 88 HOH HOH A . 
H 5 HOH 41 89 89 HOH HOH A . 
H 5 HOH 42 90 90 HOH HOH A . 
H 5 HOH 43 91 91 HOH HOH A . 
H 5 HOH 44 92 92 HOH HOH A . 
H 5 HOH 45 93 93 HOH HOH A . 
H 5 HOH 46 95 95 HOH HOH A . 
H 5 HOH 47 96 96 HOH HOH A . 
I 5 HOH 1  19 19 HOH HOH B . 
I 5 HOH 2  21 21 HOH HOH B . 
I 5 HOH 3  28 28 HOH HOH B . 
I 5 HOH 4  30 30 HOH HOH B . 
I 5 HOH 5  32 32 HOH HOH B . 
I 5 HOH 6  33 33 HOH HOH B . 
I 5 HOH 7  34 34 HOH HOH B . 
I 5 HOH 8  35 35 HOH HOH B . 
I 5 HOH 9  38 38 HOH HOH B . 
I 5 HOH 10 39 39 HOH HOH B . 
I 5 HOH 11 41 41 HOH HOH B . 
I 5 HOH 12 44 44 HOH HOH B . 
I 5 HOH 13 46 46 HOH HOH B . 
I 5 HOH 14 49 49 HOH HOH B . 
I 5 HOH 15 50 50 HOH HOH B . 
I 5 HOH 16 51 51 HOH HOH B . 
I 5 HOH 17 52 52 HOH HOH B . 
I 5 HOH 18 53 53 HOH HOH B . 
I 5 HOH 19 54 54 HOH HOH B . 
I 5 HOH 20 56 56 HOH HOH B . 
I 5 HOH 21 58 58 HOH HOH B . 
I 5 HOH 22 59 59 HOH HOH B . 
I 5 HOH 23 61 61 HOH HOH B . 
I 5 HOH 24 62 62 HOH HOH B . 
I 5 HOH 25 65 65 HOH HOH B . 
I 5 HOH 26 66 66 HOH HOH B . 
I 5 HOH 27 68 68 HOH HOH B . 
I 5 HOH 28 71 71 HOH HOH B . 
I 5 HOH 29 76 76 HOH HOH B . 
I 5 HOH 30 82 82 HOH HOH B . 
I 5 HOH 31 83 83 HOH HOH B . 
I 5 HOH 32 94 94 HOH HOH B . 
# 
_software.name             NUCLSQ 
_software.classification   refinement 
_software.version          . 
_software.citation_id      ? 
_software.pdbx_ordinal     1 
# 
_cell.entry_id           2DES 
_cell.length_a           18.010 
_cell.length_b           18.830 
_cell.length_c           26.750 
_cell.angle_alpha        92.60 
_cell.angle_beta         100.50 
_cell.angle_gamma        94.90 
_cell.Z_PDB              2 
_cell.pdbx_unique_axis   ? 
# 
_symmetry.entry_id                         2DES 
_symmetry.space_group_name_H-M             'P 1' 
_symmetry.pdbx_full_space_group_name_H-M   ? 
_symmetry.cell_setting                     ? 
_symmetry.Int_Tables_number                1 
# 
_exptl.entry_id          2DES 
_exptl.method            'X-RAY DIFFRACTION' 
_exptl.crystals_number   ? 
# 
_exptl_crystal.id                    1 
_exptl_crystal.density_meas          ? 
_exptl_crystal.density_Matthews      2.45 
_exptl_crystal.density_percent_sol   49.82 
_exptl_crystal.description           ? 
# 
_exptl_crystal_grow.crystal_id      1 
_exptl_crystal_grow.method          'VAPOR DIFFUSION, SITTING DROP' 
_exptl_crystal_grow.temp            ? 
_exptl_crystal_grow.temp_details    'ROOM TEMPERATURE' 
_exptl_crystal_grow.pH              5.50 
_exptl_crystal_grow.pdbx_details    'pH 5.50, VAPOR DIFFUSION, SITTING DROP' 
_exptl_crystal_grow.pdbx_pH_range   ? 
# 
loop_
_exptl_crystal_grow_comp.crystal_id 
_exptl_crystal_grow_comp.id 
_exptl_crystal_grow_comp.sol_id 
_exptl_crystal_grow_comp.name 
_exptl_crystal_grow_comp.volume 
_exptl_crystal_grow_comp.conc 
_exptl_crystal_grow_comp.details 
1 1 1 WATER           ? ? ? 
1 2 1 MPD             ? ? ? 
1 3 1 'NA CACODYLATE' ? ? ? 
1 4 1 MGCL2           ? ? ? 
1 5 1 SPERMINE_HCL    ? ? ? 
1 6 2 WATER           ? ? ? 
1 7 2 MPD             ? ? ? 
# 
_diffrn.id                     1 
_diffrn.ambient_temp           ? 
_diffrn.ambient_temp_details   'ROOM TEMPERATURE' 
_diffrn.crystal_id             1 
# 
_diffrn_detector.diffrn_id              1 
_diffrn_detector.detector               DIFFRACTOMETER 
_diffrn_detector.type                   'SYNTEX P21' 
_diffrn_detector.pdbx_collection_date   ? 
_diffrn_detector.details                ? 
# 
_diffrn_radiation.diffrn_id                        1 
_diffrn_radiation.wavelength_id                    1 
_diffrn_radiation.pdbx_monochromatic_or_laue_m_l   ? 
_diffrn_radiation.monochromator                    ? 
_diffrn_radiation.pdbx_diffrn_protocol             ? 
_diffrn_radiation.pdbx_scattering_type             x-ray 
# 
_diffrn_radiation_wavelength.id           1 
_diffrn_radiation_wavelength.wavelength   . 
_diffrn_radiation_wavelength.wt           1.0 
# 
_diffrn_source.diffrn_id                   1 
_diffrn_source.source                      ? 
_diffrn_source.type                        ? 
_diffrn_source.pdbx_synchrotron_site       ? 
_diffrn_source.pdbx_synchrotron_beamline   ? 
_diffrn_source.pdbx_wavelength             ? 
_diffrn_source.pdbx_wavelength_list        ? 
# 
_reflns.entry_id                     2DES 
_reflns.observed_criterion_sigma_I   ? 
_reflns.observed_criterion_sigma_F   ? 
_reflns.d_resolution_low             ? 
_reflns.d_resolution_high            ? 
_reflns.number_obs                   3988 
_reflns.number_all                   ? 
_reflns.percent_possible_obs         ? 
_reflns.pdbx_Rmerge_I_obs            ? 
_reflns.pdbx_Rsym_value              ? 
_reflns.pdbx_netI_over_sigmaI        ? 
_reflns.B_iso_Wilson_estimate        ? 
_reflns.pdbx_redundancy              ? 
_reflns.pdbx_diffrn_id               1 
_reflns.pdbx_ordinal                 1 
# 
_refine.entry_id                                 2DES 
_refine.ls_number_reflns_obs                     3588 
_refine.ls_number_reflns_all                     ? 
_refine.pdbx_ls_sigma_I                          ? 
_refine.pdbx_ls_sigma_F                          2.000 
_refine.pdbx_data_cutoff_high_absF               ? 
_refine.pdbx_data_cutoff_low_absF                ? 
_refine.pdbx_data_cutoff_high_rms_absF           ? 
_refine.ls_d_res_low                             10.000 
_refine.ls_d_res_high                            1.500 
_refine.ls_percent_reflns_obs                    ? 
_refine.ls_R_factor_obs                          0.1920000 
_refine.ls_R_factor_all                          ? 
_refine.ls_R_factor_R_work                       ? 
_refine.ls_R_factor_R_free                       ? 
_refine.ls_R_factor_R_free_error                 ? 
_refine.ls_R_factor_R_free_error_details         ? 
_refine.ls_percent_reflns_R_free                 ? 
_refine.ls_number_reflns_R_free                  ? 
_refine.ls_number_parameters                     ? 
_refine.ls_number_restraints                     ? 
_refine.occupancy_min                            ? 
_refine.occupancy_max                            ? 
_refine.B_iso_mean                               ? 
_refine.aniso_B[1][1]                            ? 
_refine.aniso_B[2][2]                            ? 
_refine.aniso_B[3][3]                            ? 
_refine.aniso_B[1][2]                            ? 
_refine.aniso_B[1][3]                            ? 
_refine.aniso_B[2][3]                            ? 
_refine.solvent_model_details                    ? 
_refine.solvent_model_param_ksol                 ? 
_refine.solvent_model_param_bsol                 ? 
_refine.pdbx_ls_cross_valid_method               ? 
_refine.details                                  ? 
_refine.pdbx_starting_model                      ? 
_refine.pdbx_method_to_determine_struct          ? 
_refine.pdbx_isotropic_thermal_model             ? 
_refine.pdbx_stereochemistry_target_values       ? 
_refine.pdbx_stereochem_target_val_spec_case     ? 
_refine.pdbx_R_Free_selection_details            ? 
_refine.pdbx_overall_ESU_R                       ? 
_refine.pdbx_overall_ESU_R_Free                  ? 
_refine.overall_SU_ML                            ? 
_refine.overall_SU_B                             ? 
_refine.pdbx_refine_id                           'X-RAY DIFFRACTION' 
_refine.pdbx_diffrn_id                           1 
_refine.pdbx_TLS_residual_ADP_flag               ? 
_refine.correlation_coeff_Fo_to_Fc               ? 
_refine.correlation_coeff_Fo_to_Fc_free          ? 
_refine.pdbx_solvent_vdw_probe_radii             ? 
_refine.pdbx_solvent_ion_probe_radii             ? 
_refine.pdbx_solvent_shrinkage_radii             ? 
_refine.pdbx_overall_phase_error                 ? 
_refine.overall_SU_R_Cruickshank_DPI             ? 
_refine.pdbx_overall_SU_R_free_Cruickshank_DPI   ? 
_refine.pdbx_overall_SU_R_Blow_DPI               ? 
_refine.pdbx_overall_SU_R_free_Blow_DPI          ? 
# 
_refine_hist.pdbx_refine_id                   'X-RAY DIFFRACTION' 
_refine_hist.cycle_id                         LAST 
_refine_hist.pdbx_number_atoms_protein        0 
_refine_hist.pdbx_number_atoms_nucleic_acid   240 
_refine_hist.pdbx_number_atoms_ligand         95 
_refine_hist.number_atoms_solvent             79 
_refine_hist.number_atoms_total               414 
_refine_hist.d_res_high                       1.500 
_refine_hist.d_res_low                        10.000 
# 
_struct.entry_id                  2DES 
_struct.title                     
'INTERACTIONS BETWEEN MORPHOLINYL ANTHRACYCLINES AND DNA: THE CRYSTAL STRUCTURE OF A MORPHOLINO DOXORUBICIN BOUND TO D(CGTACG)' 
_struct.pdbx_model_details        ? 
_struct.pdbx_CASP_flag            ? 
_struct.pdbx_model_type_details   ? 
# 
_struct_keywords.entry_id        2DES 
_struct_keywords.pdbx_keywords   DNA 
_struct_keywords.text            'RIGHT HANDED DNA, DOUBLE HELIX, COMPLEXED WITH DRUG, DNA' 
# 
loop_
_struct_asym.id 
_struct_asym.pdbx_blank_PDB_chainid_flag 
_struct_asym.pdbx_modified 
_struct_asym.entity_id 
_struct_asym.details 
A N N 1 ? 
B N N 1 ? 
C N N 2 ? 
D N N 2 ? 
E N N 3 ? 
F N N 4 ? 
G N N 3 ? 
H N N 5 ? 
I N N 5 ? 
# 
_struct_ref.id                         1 
_struct_ref.entity_id                  1 
_struct_ref.db_name                    PDB 
_struct_ref.db_code                    2DES 
_struct_ref.pdbx_db_accession          2DES 
_struct_ref.pdbx_db_isoform            ? 
_struct_ref.pdbx_seq_one_letter_code   ? 
_struct_ref.pdbx_align_begin           ? 
# 
loop_
_struct_ref_seq.align_id 
_struct_ref_seq.ref_id 
_struct_ref_seq.pdbx_PDB_id_code 
_struct_ref_seq.pdbx_strand_id 
_struct_ref_seq.seq_align_beg 
_struct_ref_seq.pdbx_seq_align_beg_ins_code 
_struct_ref_seq.seq_align_end 
_struct_ref_seq.pdbx_seq_align_end_ins_code 
_struct_ref_seq.pdbx_db_accession 
_struct_ref_seq.db_align_beg 
_struct_ref_seq.pdbx_db_align_beg_ins_code 
_struct_ref_seq.db_align_end 
_struct_ref_seq.pdbx_db_align_end_ins_code 
_struct_ref_seq.pdbx_auth_seq_align_beg 
_struct_ref_seq.pdbx_auth_seq_align_end 
1 1 2DES A 1 ? 6 ? 2DES 1 ? 6  ? 1 6  
2 1 2DES B 1 ? 6 ? 2DES 7 ? 12 ? 7 12 
# 
_pdbx_struct_assembly.id                   1 
_pdbx_struct_assembly.details              author_defined_assembly 
_pdbx_struct_assembly.method_details       ? 
_pdbx_struct_assembly.oligomeric_details   dimeric 
_pdbx_struct_assembly.oligomeric_count     2 
# 
_pdbx_struct_assembly_gen.assembly_id       1 
_pdbx_struct_assembly_gen.oper_expression   1 
_pdbx_struct_assembly_gen.asym_id_list      A,B,C,D,E,F,G,H,I 
# 
_pdbx_struct_oper_list.id                   1 
_pdbx_struct_oper_list.type                 'identity operation' 
_pdbx_struct_oper_list.name                 1_555 
_pdbx_struct_oper_list.symmetry_operation   x,y,z 
_pdbx_struct_oper_list.matrix[1][1]         1.0000000000 
_pdbx_struct_oper_list.matrix[1][2]         0.0000000000 
_pdbx_struct_oper_list.matrix[1][3]         0.0000000000 
_pdbx_struct_oper_list.vector[1]            0.0000000000 
_pdbx_struct_oper_list.matrix[2][1]         0.0000000000 
_pdbx_struct_oper_list.matrix[2][2]         1.0000000000 
_pdbx_struct_oper_list.matrix[2][3]         0.0000000000 
_pdbx_struct_oper_list.vector[2]            0.0000000000 
_pdbx_struct_oper_list.matrix[3][1]         0.0000000000 
_pdbx_struct_oper_list.matrix[3][2]         0.0000000000 
_pdbx_struct_oper_list.matrix[3][3]         1.0000000000 
_pdbx_struct_oper_list.vector[3]            0.0000000000 
# 
_struct_biol.id   1 
# 
loop_
_struct_conn.id 
_struct_conn.conn_type_id 
_struct_conn.pdbx_leaving_atom_flag 
_struct_conn.pdbx_PDB_id 
_struct_conn.ptnr1_label_asym_id 
_struct_conn.ptnr1_label_comp_id 
_struct_conn.ptnr1_label_seq_id 
_struct_conn.ptnr1_label_atom_id 
_struct_conn.pdbx_ptnr1_label_alt_id 
_struct_conn.pdbx_ptnr1_PDB_ins_code 
_struct_conn.pdbx_ptnr1_standard_comp_id 
_struct_conn.ptnr1_symmetry 
_struct_conn.ptnr2_label_asym_id 
_struct_conn.ptnr2_label_comp_id 
_struct_conn.ptnr2_label_seq_id 
_struct_conn.ptnr2_label_atom_id 
_struct_conn.pdbx_ptnr2_label_alt_id 
_struct_conn.pdbx_ptnr2_PDB_ins_code 
_struct_conn.ptnr1_auth_asym_id 
_struct_conn.ptnr1_auth_comp_id 
_struct_conn.ptnr1_auth_seq_id 
_struct_conn.ptnr2_auth_asym_id 
_struct_conn.ptnr2_auth_comp_id 
_struct_conn.ptnr2_auth_seq_id 
_struct_conn.ptnr2_symmetry 
_struct_conn.pdbx_ptnr3_label_atom_id 
_struct_conn.pdbx_ptnr3_label_seq_id 
_struct_conn.pdbx_ptnr3_label_comp_id 
_struct_conn.pdbx_ptnr3_label_asym_id 
_struct_conn.pdbx_ptnr3_label_alt_id 
_struct_conn.pdbx_ptnr3_PDB_ins_code 
_struct_conn.details 
_struct_conn.pdbx_dist_value 
_struct_conn.pdbx_value_order 
_struct_conn.pdbx_role 
metalc1  metalc ? ? A DG  6 N7 ? ? ? 1_555 E NA  . NA ? ? A DG  6  A NA  17 1_555 ? ? ? ? ? ? ?            2.558 ? ? 
metalc2  metalc ? ? C DMM . O4 ? ? ? 1_555 G NA  . NA ? ? A DMM 13 B NA  16 1_555 ? ? ? ? ? ? ?            2.515 ? ? 
metalc3  metalc ? ? D DMM . O4 ? ? ? 1_555 E NA  . NA ? ? A DMM 14 A NA  17 1_555 ? ? ? ? ? ? ?            2.966 ? ? 
metalc4  metalc ? ? D DMM . O6 ? ? ? 1_555 E NA  . NA ? ? A DMM 14 A NA  17 1_555 ? ? ? ? ? ? ?            2.975 ? ? 
metalc5  metalc ? ? E NA  . NA ? ? ? 1_555 H HOH . O  ? ? A NA  17 A HOH 81 1_555 ? ? ? ? ? ? ?            2.666 ? ? 
metalc6  metalc ? ? E NA  . NA ? ? ? 1_555 H HOH . O  ? ? A NA  17 A HOH 85 1_555 ? ? ? ? ? ? ?            2.392 ? ? 
metalc7  metalc ? ? E NA  . NA ? ? ? 1_555 H HOH . O  ? ? A NA  17 A HOH 87 1_555 ? ? ? ? ? ? ?            2.634 ? ? 
metalc8  metalc ? ? H HOH . O  ? ? ? 1_555 F MG  . MG ? ? A HOH 48 B MG  15 1_555 ? ? ? ? ? ? ?            1.977 ? ? 
metalc9  metalc ? ? H HOH . O  ? ? ? 1_555 F MG  . MG ? ? A HOH 57 B MG  15 1_555 ? ? ? ? ? ? ?            1.960 ? ? 
metalc10 metalc ? ? F MG  . MG ? ? ? 1_555 I HOH . O  ? ? B MG  15 B HOH 49 1_555 ? ? ? ? ? ? ?            2.132 ? ? 
metalc11 metalc ? ? F MG  . MG ? ? ? 1_555 I HOH . O  ? ? B MG  15 B HOH 50 1_555 ? ? ? ? ? ? ?            2.010 ? ? 
metalc12 metalc ? ? F MG  . MG ? ? ? 1_555 I HOH . O  ? ? B MG  15 B HOH 51 1_555 ? ? ? ? ? ? ?            1.911 ? ? 
metalc13 metalc ? ? F MG  . MG ? ? ? 1_555 I HOH . O  ? ? B MG  15 B HOH 58 1_555 ? ? ? ? ? ? ?            2.119 ? ? 
metalc14 metalc ? ? G NA  . NA ? ? ? 1_555 I HOH . O  ? ? B NA  16 B HOH 46 1_555 ? ? ? ? ? ? ?            2.299 ? ? 
metalc15 metalc ? ? G NA  . NA ? ? ? 1_555 I HOH . O  ? ? B NA  16 B HOH 59 1_555 ? ? ? ? ? ? ?            2.281 ? ? 
metalc16 metalc ? ? G NA  . NA ? ? ? 1_555 I HOH . O  ? ? B NA  16 B HOH 65 1_555 ? ? ? ? ? ? ?            2.783 ? ? 
hydrog1  hydrog ? ? A DC  1 N3 ? ? ? 1_555 B DG  6 N1 ? ? A DC  1  B DG  12 1_555 ? ? ? ? ? ? WATSON-CRICK ?     ? ? 
hydrog2  hydrog ? ? A DC  1 N4 ? ? ? 1_555 B DG  6 O6 ? ? A DC  1  B DG  12 1_555 ? ? ? ? ? ? WATSON-CRICK ?     ? ? 
hydrog3  hydrog ? ? A DC  1 O2 ? ? ? 1_555 B DG  6 N2 ? ? A DC  1  B DG  12 1_555 ? ? ? ? ? ? WATSON-CRICK ?     ? ? 
hydrog4  hydrog ? ? A DG  2 N1 ? ? ? 1_555 B DC  5 N3 ? ? A DG  2  B DC  11 1_555 ? ? ? ? ? ? WATSON-CRICK ?     ? ? 
hydrog5  hydrog ? ? A DG  2 N2 ? ? ? 1_555 B DC  5 O2 ? ? A DG  2  B DC  11 1_555 ? ? ? ? ? ? WATSON-CRICK ?     ? ? 
hydrog6  hydrog ? ? A DG  2 O6 ? ? ? 1_555 B DC  5 N4 ? ? A DG  2  B DC  11 1_555 ? ? ? ? ? ? WATSON-CRICK ?     ? ? 
hydrog7  hydrog ? ? A DT  3 N3 ? ? ? 1_555 B DA  4 N1 ? ? A DT  3  B DA  10 1_555 ? ? ? ? ? ? WATSON-CRICK ?     ? ? 
hydrog8  hydrog ? ? A DT  3 O4 ? ? ? 1_555 B DA  4 N6 ? ? A DT  3  B DA  10 1_555 ? ? ? ? ? ? WATSON-CRICK ?     ? ? 
hydrog9  hydrog ? ? A DA  4 N1 ? ? ? 1_555 B DT  3 N3 ? ? A DA  4  B DT  9  1_555 ? ? ? ? ? ? WATSON-CRICK ?     ? ? 
hydrog10 hydrog ? ? A DA  4 N6 ? ? ? 1_555 B DT  3 O4 ? ? A DA  4  B DT  9  1_555 ? ? ? ? ? ? WATSON-CRICK ?     ? ? 
hydrog11 hydrog ? ? A DC  5 N3 ? ? ? 1_555 B DG  2 N1 ? ? A DC  5  B DG  8  1_555 ? ? ? ? ? ? WATSON-CRICK ?     ? ? 
hydrog12 hydrog ? ? A DC  5 N4 ? ? ? 1_555 B DG  2 O6 ? ? A DC  5  B DG  8  1_555 ? ? ? ? ? ? WATSON-CRICK ?     ? ? 
hydrog13 hydrog ? ? A DC  5 O2 ? ? ? 1_555 B DG  2 N2 ? ? A DC  5  B DG  8  1_555 ? ? ? ? ? ? WATSON-CRICK ?     ? ? 
hydrog14 hydrog ? ? A DG  6 N1 ? ? ? 1_555 B DC  1 N3 ? ? A DG  6  B DC  7  1_555 ? ? ? ? ? ? WATSON-CRICK ?     ? ? 
hydrog15 hydrog ? ? A DG  6 N2 ? ? ? 1_555 B DC  1 O2 ? ? A DG  6  B DC  7  1_555 ? ? ? ? ? ? WATSON-CRICK ?     ? ? 
hydrog16 hydrog ? ? A DG  6 O6 ? ? ? 1_555 B DC  1 N4 ? ? A DG  6  B DC  7  1_555 ? ? ? ? ? ? WATSON-CRICK ?     ? ? 
# 
loop_
_struct_conn_type.id 
_struct_conn_type.criteria 
_struct_conn_type.reference 
metalc ? ? 
hydrog ? ? 
# 
loop_
_pdbx_struct_conn_angle.id 
_pdbx_struct_conn_angle.ptnr1_label_atom_id 
_pdbx_struct_conn_angle.ptnr1_label_alt_id 
_pdbx_struct_conn_angle.ptnr1_label_asym_id 
_pdbx_struct_conn_angle.ptnr1_label_comp_id 
_pdbx_struct_conn_angle.ptnr1_label_seq_id 
_pdbx_struct_conn_angle.ptnr1_auth_atom_id 
_pdbx_struct_conn_angle.ptnr1_auth_asym_id 
_pdbx_struct_conn_angle.ptnr1_auth_comp_id 
_pdbx_struct_conn_angle.ptnr1_auth_seq_id 
_pdbx_struct_conn_angle.ptnr1_PDB_ins_code 
_pdbx_struct_conn_angle.ptnr1_symmetry 
_pdbx_struct_conn_angle.ptnr2_label_atom_id 
_pdbx_struct_conn_angle.ptnr2_label_alt_id 
_pdbx_struct_conn_angle.ptnr2_label_asym_id 
_pdbx_struct_conn_angle.ptnr2_label_comp_id 
_pdbx_struct_conn_angle.ptnr2_label_seq_id 
_pdbx_struct_conn_angle.ptnr2_auth_atom_id 
_pdbx_struct_conn_angle.ptnr2_auth_asym_id 
_pdbx_struct_conn_angle.ptnr2_auth_comp_id 
_pdbx_struct_conn_angle.ptnr2_auth_seq_id 
_pdbx_struct_conn_angle.ptnr2_PDB_ins_code 
_pdbx_struct_conn_angle.ptnr2_symmetry 
_pdbx_struct_conn_angle.ptnr3_label_atom_id 
_pdbx_struct_conn_angle.ptnr3_label_alt_id 
_pdbx_struct_conn_angle.ptnr3_label_asym_id 
_pdbx_struct_conn_angle.ptnr3_label_comp_id 
_pdbx_struct_conn_angle.ptnr3_label_seq_id 
_pdbx_struct_conn_angle.ptnr3_auth_atom_id 
_pdbx_struct_conn_angle.ptnr3_auth_asym_id 
_pdbx_struct_conn_angle.ptnr3_auth_comp_id 
_pdbx_struct_conn_angle.ptnr3_auth_seq_id 
_pdbx_struct_conn_angle.ptnr3_PDB_ins_code 
_pdbx_struct_conn_angle.ptnr3_symmetry 
_pdbx_struct_conn_angle.value 
_pdbx_struct_conn_angle.value_esd 
1  N7 ? A DG  6 ? A DG  6  ? 1_555 NA ? E NA . ? A NA 17 ? 1_555 O4 ? D DMM . ? A DMM 14 ? 1_555 124.7 ? 
2  N7 ? A DG  6 ? A DG  6  ? 1_555 NA ? E NA . ? A NA 17 ? 1_555 O6 ? D DMM . ? A DMM 14 ? 1_555 74.3  ? 
3  O4 ? D DMM . ? A DMM 14 ? 1_555 NA ? E NA . ? A NA 17 ? 1_555 O6 ? D DMM . ? A DMM 14 ? 1_555 51.4  ? 
4  N7 ? A DG  6 ? A DG  6  ? 1_555 NA ? E NA . ? A NA 17 ? 1_555 O  ? H HOH . ? A HOH 81 ? 1_555 151.6 ? 
5  O4 ? D DMM . ? A DMM 14 ? 1_555 NA ? E NA . ? A NA 17 ? 1_555 O  ? H HOH . ? A HOH 81 ? 1_555 81.2  ? 
6  O6 ? D DMM . ? A DMM 14 ? 1_555 NA ? E NA . ? A NA 17 ? 1_555 O  ? H HOH . ? A HOH 81 ? 1_555 132.6 ? 
7  N7 ? A DG  6 ? A DG  6  ? 1_555 NA ? E NA . ? A NA 17 ? 1_555 O  ? H HOH . ? A HOH 85 ? 1_555 96.0  ? 
8  O4 ? D DMM . ? A DMM 14 ? 1_555 NA ? E NA . ? A NA 17 ? 1_555 O  ? H HOH . ? A HOH 85 ? 1_555 115.2 ? 
9  O6 ? D DMM . ? A DMM 14 ? 1_555 NA ? E NA . ? A NA 17 ? 1_555 O  ? H HOH . ? A HOH 85 ? 1_555 116.7 ? 
10 O  ? H HOH . ? A HOH 81 ? 1_555 NA ? E NA . ? A NA 17 ? 1_555 O  ? H HOH . ? A HOH 85 ? 1_555 80.1  ? 
11 N7 ? A DG  6 ? A DG  6  ? 1_555 NA ? E NA . ? A NA 17 ? 1_555 O  ? H HOH . ? A HOH 87 ? 1_555 65.6  ? 
12 O4 ? D DMM . ? A DMM 14 ? 1_555 NA ? E NA . ? A NA 17 ? 1_555 O  ? H HOH . ? A HOH 87 ? 1_555 142.8 ? 
13 O6 ? D DMM . ? A DMM 14 ? 1_555 NA ? E NA . ? A NA 17 ? 1_555 O  ? H HOH . ? A HOH 87 ? 1_555 129.7 ? 
14 O  ? H HOH . ? A HOH 81 ? 1_555 NA ? E NA . ? A NA 17 ? 1_555 O  ? H HOH . ? A HOH 87 ? 1_555 86.9  ? 
15 O  ? H HOH . ? A HOH 85 ? 1_555 NA ? E NA . ? A NA 17 ? 1_555 O  ? H HOH . ? A HOH 87 ? 1_555 97.0  ? 
16 O4 ? C DMM . ? A DMM 13 ? 1_555 NA ? G NA . ? B NA 16 ? 1_555 O  ? I HOH . ? B HOH 46 ? 1_555 94.3  ? 
17 O4 ? C DMM . ? A DMM 13 ? 1_555 NA ? G NA . ? B NA 16 ? 1_555 O  ? I HOH . ? B HOH 59 ? 1_555 135.8 ? 
18 O  ? I HOH . ? B HOH 46 ? 1_555 NA ? G NA . ? B NA 16 ? 1_555 O  ? I HOH . ? B HOH 59 ? 1_555 129.1 ? 
19 O4 ? C DMM . ? A DMM 13 ? 1_555 NA ? G NA . ? B NA 16 ? 1_555 O  ? I HOH . ? B HOH 65 ? 1_555 113.2 ? 
20 O  ? I HOH . ? B HOH 46 ? 1_555 NA ? G NA . ? B NA 16 ? 1_555 O  ? I HOH . ? B HOH 65 ? 1_555 90.9  ? 
21 O  ? I HOH . ? B HOH 59 ? 1_555 NA ? G NA . ? B NA 16 ? 1_555 O  ? I HOH . ? B HOH 65 ? 1_555 65.0  ? 
22 O  ? H HOH . ? A HOH 48 ? 1_555 MG ? F MG . ? B MG 15 ? 1_555 O  ? H HOH . ? A HOH 57 ? 1_555 89.2  ? 
23 O  ? H HOH . ? A HOH 48 ? 1_555 MG ? F MG . ? B MG 15 ? 1_555 O  ? I HOH . ? B HOH 49 ? 1_555 92.4  ? 
24 O  ? H HOH . ? A HOH 57 ? 1_555 MG ? F MG . ? B MG 15 ? 1_555 O  ? I HOH . ? B HOH 49 ? 1_555 89.6  ? 
25 O  ? H HOH . ? A HOH 48 ? 1_555 MG ? F MG . ? B MG 15 ? 1_555 O  ? I HOH . ? B HOH 50 ? 1_555 97.8  ? 
26 O  ? H HOH . ? A HOH 57 ? 1_555 MG ? F MG . ? B MG 15 ? 1_555 O  ? I HOH . ? B HOH 50 ? 1_555 170.6 ? 
27 O  ? I HOH . ? B HOH 49 ? 1_555 MG ? F MG . ? B MG 15 ? 1_555 O  ? I HOH . ? B HOH 50 ? 1_555 83.8  ? 
28 O  ? H HOH . ? A HOH 48 ? 1_555 MG ? F MG . ? B MG 15 ? 1_555 O  ? I HOH . ? B HOH 51 ? 1_555 91.2  ? 
29 O  ? H HOH . ? A HOH 57 ? 1_555 MG ? F MG . ? B MG 15 ? 1_555 O  ? I HOH . ? B HOH 51 ? 1_555 94.4  ? 
30 O  ? I HOH . ? B HOH 49 ? 1_555 MG ? F MG . ? B MG 15 ? 1_555 O  ? I HOH . ? B HOH 51 ? 1_555 174.7 ? 
31 O  ? I HOH . ? B HOH 50 ? 1_555 MG ? F MG . ? B MG 15 ? 1_555 O  ? I HOH . ? B HOH 51 ? 1_555 91.8  ? 
32 O  ? H HOH . ? A HOH 48 ? 1_555 MG ? F MG . ? B MG 15 ? 1_555 O  ? I HOH . ? B HOH 58 ? 1_555 175.9 ? 
33 O  ? H HOH . ? A HOH 57 ? 1_555 MG ? F MG . ? B MG 15 ? 1_555 O  ? I HOH . ? B HOH 58 ? 1_555 93.3  ? 
34 O  ? I HOH . ? B HOH 49 ? 1_555 MG ? F MG . ? B MG 15 ? 1_555 O  ? I HOH . ? B HOH 58 ? 1_555 84.4  ? 
35 O  ? I HOH . ? B HOH 50 ? 1_555 MG ? F MG . ? B MG 15 ? 1_555 O  ? I HOH . ? B HOH 58 ? 1_555 79.4  ? 
36 O  ? I HOH . ? B HOH 51 ? 1_555 MG ? F MG . ? B MG 15 ? 1_555 O  ? I HOH . ? B HOH 58 ? 1_555 91.8  ? 
# 
loop_
_struct_site.id 
_struct_site.pdbx_evidence_code 
_struct_site.pdbx_auth_asym_id 
_struct_site.pdbx_auth_comp_id 
_struct_site.pdbx_auth_seq_id 
_struct_site.pdbx_auth_ins_code 
_struct_site.pdbx_num_residues 
_struct_site.details 
AC1 Software A DMM 13 ? 17 'BINDING SITE FOR RESIDUE DMM A 13' 
AC2 Software A DMM 14 ? 14 'BINDING SITE FOR RESIDUE DMM A 14' 
AC3 Software B MG  15 ? 6  'BINDING SITE FOR RESIDUE MG B 15'  
AC4 Software B NA  16 ? 5  'BINDING SITE FOR RESIDUE NA B 16'  
AC5 Software A NA  17 ? 5  'BINDING SITE FOR RESIDUE NA A 17'  
1   ?        ? ?   ?  ? ?  ?                                   
# 
loop_
_struct_site_gen.id 
_struct_site_gen.site_id 
_struct_site_gen.pdbx_num_res 
_struct_site_gen.label_comp_id 
_struct_site_gen.label_asym_id 
_struct_site_gen.label_seq_id 
_struct_site_gen.pdbx_auth_ins_code 
_struct_site_gen.auth_comp_id 
_struct_site_gen.auth_asym_id 
_struct_site_gen.auth_seq_id 
_struct_site_gen.label_atom_id 
_struct_site_gen.label_alt_id 
_struct_site_gen.symmetry 
_struct_site_gen.details 
1  AC1 17 DC  A 1 ? DC  A 1  . ? 1_555 ? 
2  AC1 17 DG  A 2 ? DG  A 2  . ? 1_555 ? 
3  AC1 17 DT  A 3 ? DT  A 3  . ? 1_555 ? 
4  AC1 17 DT  A 3 ? DT  A 3  . ? 1_455 ? 
5  AC1 17 DA  A 4 ? DA  A 4  . ? 1_555 ? 
6  AC1 17 DA  A 4 ? DA  A 4  . ? 1_455 ? 
7  AC1 17 DMM D . ? DMM A 14 . ? 1_555 ? 
8  AC1 17 HOH H . ? HOH A 23 . ? 1_555 ? 
9  AC1 17 HOH H . ? HOH A 25 . ? 1_555 ? 
10 AC1 17 HOH H . ? HOH A 27 . ? 1_555 ? 
11 AC1 17 HOH H . ? HOH A 60 . ? 1_655 ? 
12 AC1 17 HOH H . ? HOH A 64 . ? 1_655 ? 
13 AC1 17 HOH H . ? HOH A 64 . ? 1_555 ? 
14 AC1 17 DA  B 4 ? DA  B 10 . ? 1_555 ? 
15 AC1 17 DC  B 5 ? DC  B 11 . ? 1_555 ? 
16 AC1 17 DG  B 6 ? DG  B 12 . ? 1_555 ? 
17 AC1 17 NA  G . ? NA  B 16 . ? 1_555 ? 
18 AC2 14 DA  A 4 ? DA  A 4  . ? 1_555 ? 
19 AC2 14 DC  A 5 ? DC  A 5  . ? 1_555 ? 
20 AC2 14 DG  A 6 ? DG  A 6  . ? 1_555 ? 
21 AC2 14 DMM C . ? DMM A 13 . ? 1_555 ? 
22 AC2 14 NA  E . ? NA  A 17 . ? 1_555 ? 
23 AC2 14 HOH H . ? HOH A 37 . ? 1_555 ? 
24 AC2 14 HOH H . ? HOH A 40 . ? 1_555 ? 
25 AC2 14 HOH H . ? HOH A 48 . ? 1_555 ? 
26 AC2 14 HOH H . ? HOH A 93 . ? 1_555 ? 
27 AC2 14 DC  B 1 ? DC  B 7  . ? 1_555 ? 
28 AC2 14 DG  B 2 ? DG  B 8  . ? 1_555 ? 
29 AC2 14 DT  B 3 ? DT  B 9  . ? 1_655 ? 
30 AC2 14 DT  B 3 ? DT  B 9  . ? 1_555 ? 
31 AC2 14 DA  B 4 ? DA  B 10 . ? 1_555 ? 
32 AC3 6  HOH H . ? HOH A 48 . ? 1_555 ? 
33 AC3 6  HOH H . ? HOH A 57 . ? 1_555 ? 
34 AC3 6  HOH I . ? HOH B 49 . ? 1_555 ? 
35 AC3 6  HOH I . ? HOH B 50 . ? 1_555 ? 
36 AC3 6  HOH I . ? HOH B 51 . ? 1_555 ? 
37 AC3 6  HOH I . ? HOH B 58 . ? 1_555 ? 
38 AC4 5  DMM C . ? DMM A 13 . ? 1_555 ? 
39 AC4 5  DG  B 6 ? DG  B 12 . ? 1_555 ? 
40 AC4 5  HOH I . ? HOH B 46 . ? 1_555 ? 
41 AC4 5  HOH I . ? HOH B 59 . ? 1_555 ? 
42 AC4 5  HOH I . ? HOH B 65 . ? 1_555 ? 
43 AC5 5  DG  A 6 ? DG  A 6  . ? 1_555 ? 
44 AC5 5  DMM D . ? DMM A 14 . ? 1_555 ? 
45 AC5 5  HOH H . ? HOH A 81 . ? 1_555 ? 
46 AC5 5  HOH H . ? HOH A 85 . ? 1_555 ? 
47 AC5 5  HOH H . ? HOH A 87 . ? 1_555 ? 
# 
_pdbx_validate_close_contact.id               1 
_pdbx_validate_close_contact.PDB_model_num    1 
_pdbx_validate_close_contact.auth_atom_id_1   O 
_pdbx_validate_close_contact.auth_asym_id_1   B 
_pdbx_validate_close_contact.auth_comp_id_1   HOH 
_pdbx_validate_close_contact.auth_seq_id_1    19 
_pdbx_validate_close_contact.PDB_ins_code_1   ? 
_pdbx_validate_close_contact.label_alt_id_1   ? 
_pdbx_validate_close_contact.auth_atom_id_2   O 
_pdbx_validate_close_contact.auth_asym_id_2   B 
_pdbx_validate_close_contact.auth_comp_id_2   HOH 
_pdbx_validate_close_contact.auth_seq_id_2    35 
_pdbx_validate_close_contact.PDB_ins_code_2   ? 
_pdbx_validate_close_contact.label_alt_id_2   ? 
_pdbx_validate_close_contact.dist             2.04 
# 
loop_
_pdbx_validate_symm_contact.id 
_pdbx_validate_symm_contact.PDB_model_num 
_pdbx_validate_symm_contact.auth_atom_id_1 
_pdbx_validate_symm_contact.auth_asym_id_1 
_pdbx_validate_symm_contact.auth_comp_id_1 
_pdbx_validate_symm_contact.auth_seq_id_1 
_pdbx_validate_symm_contact.PDB_ins_code_1 
_pdbx_validate_symm_contact.label_alt_id_1 
_pdbx_validate_symm_contact.site_symmetry_1 
_pdbx_validate_symm_contact.auth_atom_id_2 
_pdbx_validate_symm_contact.auth_asym_id_2 
_pdbx_validate_symm_contact.auth_comp_id_2 
_pdbx_validate_symm_contact.auth_seq_id_2 
_pdbx_validate_symm_contact.PDB_ins_code_2 
_pdbx_validate_symm_contact.label_alt_id_2 
_pdbx_validate_symm_contact.site_symmetry_2 
_pdbx_validate_symm_contact.dist 
1 1 OP2 A DA 4  ? ? 1_555 O B HOH 19 ? ? 1_655 1.56 
2 1 OP2 B DA 10 ? ? 1_555 O A HOH 18 ? ? 1_455 1.98 
3 1 P   A DA 4  ? ? 1_555 O B HOH 19 ? ? 1_655 2.12 
# 
loop_
_pdbx_validate_rmsd_bond.id 
_pdbx_validate_rmsd_bond.PDB_model_num 
_pdbx_validate_rmsd_bond.auth_atom_id_1 
_pdbx_validate_rmsd_bond.auth_asym_id_1 
_pdbx_validate_rmsd_bond.auth_comp_id_1 
_pdbx_validate_rmsd_bond.auth_seq_id_1 
_pdbx_validate_rmsd_bond.PDB_ins_code_1 
_pdbx_validate_rmsd_bond.label_alt_id_1 
_pdbx_validate_rmsd_bond.auth_atom_id_2 
_pdbx_validate_rmsd_bond.auth_asym_id_2 
_pdbx_validate_rmsd_bond.auth_comp_id_2 
_pdbx_validate_rmsd_bond.auth_seq_id_2 
_pdbx_validate_rmsd_bond.PDB_ins_code_2 
_pdbx_validate_rmsd_bond.label_alt_id_2 
_pdbx_validate_rmsd_bond.bond_value 
_pdbx_validate_rmsd_bond.bond_target_value 
_pdbx_validate_rmsd_bond.bond_deviation 
_pdbx_validate_rmsd_bond.bond_standard_deviation 
_pdbx_validate_rmsd_bond.linker_flag 
1  1 "O3'" A DC 1  ? ? "C3'" A DC 1  ? ? 1.365 1.419 -0.054 0.006 N 
2  1 "O3'" A DG 2  ? ? "C3'" A DG 2  ? ? 1.380 1.419 -0.039 0.006 N 
3  1 C6    A DG 2  ? ? N1    A DG 2  ? ? 1.332 1.391 -0.059 0.007 N 
4  1 C2    A DG 2  ? ? N2    A DG 2  ? ? 1.232 1.341 -0.109 0.010 N 
5  1 "C2'" A DA 4  ? ? "C1'" A DA 4  ? ? 1.595 1.519 0.076  0.010 N 
6  1 C5    A DA 4  ? ? C6    A DA 4  ? ? 1.462 1.406 0.056  0.009 N 
7  1 "C4'" A DC 5  ? ? "C3'" A DC 5  ? ? 1.597 1.529 0.068  0.010 N 
8  1 "C2'" A DC 5  ? ? "C1'" A DC 5  ? ? 1.620 1.519 0.101  0.010 N 
9  1 "O3'" A DC 5  ? ? "C3'" A DC 5  ? ? 1.353 1.419 -0.066 0.006 N 
10 1 "O4'" A DG 6  ? ? "C1'" A DG 6  ? ? 1.495 1.420 0.075  0.011 N 
11 1 "O3'" A DG 6  ? ? "C3'" A DG 6  ? ? 1.362 1.419 -0.057 0.006 N 
12 1 C6    A DG 6  ? ? N1    A DG 6  ? ? 1.348 1.391 -0.043 0.007 N 
13 1 C5    A DG 6  ? ? N7    A DG 6  ? ? 1.347 1.388 -0.041 0.006 N 
14 1 C8    A DG 6  ? ? N9    A DG 6  ? ? 1.319 1.374 -0.055 0.007 N 
15 1 C2    A DG 6  ? ? N2    A DG 6  ? ? 1.234 1.341 -0.107 0.010 N 
16 1 "C4'" B DC 7  ? ? "C3'" B DC 7  ? ? 1.606 1.529 0.077  0.010 N 
17 1 N3    B DC 7  ? ? C4    B DC 7  ? ? 1.382 1.335 0.047  0.007 N 
18 1 P     B DG 8  ? ? OP2   B DG 8  ? ? 1.381 1.485 -0.104 0.017 N 
19 1 P     B DG 8  ? ? "O5'" B DG 8  ? ? 1.675 1.593 0.082  0.010 N 
20 1 "C2'" B DG 8  ? ? "C1'" B DG 8  ? ? 1.602 1.519 0.083  0.010 N 
21 1 "O3'" B DG 8  ? ? "C3'" B DG 8  ? ? 1.374 1.419 -0.045 0.006 N 
22 1 C6    B DG 8  ? ? N1    B DG 8  ? ? 1.278 1.391 -0.113 0.007 N 
23 1 C5    B DG 8  ? ? N7    B DG 8  ? ? 1.326 1.388 -0.062 0.006 N 
24 1 C8    B DG 8  ? ? N9    B DG 8  ? ? 1.282 1.374 -0.092 0.007 N 
25 1 N9    B DG 8  ? ? C4    B DG 8  ? ? 1.434 1.375 0.059  0.008 N 
26 1 C2    B DG 8  ? ? N2    B DG 8  ? ? 1.221 1.341 -0.120 0.010 N 
27 1 "C5'" B DT 9  ? ? "C4'" B DT 9  ? ? 1.564 1.512 0.052  0.007 N 
28 1 "O3'" B DT 9  ? ? "C3'" B DT 9  ? ? 1.338 1.419 -0.081 0.006 N 
29 1 "C4'" B DA 10 ? ? "C3'" B DA 10 ? ? 1.600 1.529 0.071  0.010 N 
30 1 "C2'" B DA 10 ? ? "C1'" B DA 10 ? ? 1.580 1.519 0.061  0.010 N 
31 1 "O4'" B DA 10 ? ? "C4'" B DA 10 ? ? 1.371 1.446 -0.075 0.010 N 
32 1 "O3'" B DA 10 ? ? "C3'" B DA 10 ? ? 1.364 1.419 -0.055 0.006 N 
33 1 "C2'" B DC 11 ? ? "C1'" B DC 11 ? ? 1.592 1.519 0.073  0.010 N 
34 1 N3    B DC 11 ? ? C4    B DC 11 ? ? 1.407 1.335 0.072  0.007 N 
35 1 C4    B DC 11 ? ? C5    B DC 11 ? ? 1.373 1.425 -0.052 0.008 N 
36 1 "C5'" B DG 12 ? ? "C4'" B DG 12 ? ? 1.438 1.509 -0.071 0.011 N 
37 1 "C4'" B DG 12 ? ? "C3'" B DG 12 ? ? 1.598 1.529 0.069  0.010 N 
38 1 C6    B DG 12 ? ? N1    B DG 12 ? ? 1.308 1.391 -0.083 0.007 N 
39 1 C5    B DG 12 ? ? N7    B DG 12 ? ? 1.351 1.388 -0.037 0.006 N 
40 1 C8    B DG 12 ? ? N9    B DG 12 ? ? 1.331 1.374 -0.043 0.007 N 
41 1 C2    B DG 12 ? ? N2    B DG 12 ? ? 1.245 1.341 -0.096 0.010 N 
# 
loop_
_pdbx_validate_rmsd_angle.id 
_pdbx_validate_rmsd_angle.PDB_model_num 
_pdbx_validate_rmsd_angle.auth_atom_id_1 
_pdbx_validate_rmsd_angle.auth_asym_id_1 
_pdbx_validate_rmsd_angle.auth_comp_id_1 
_pdbx_validate_rmsd_angle.auth_seq_id_1 
_pdbx_validate_rmsd_angle.PDB_ins_code_1 
_pdbx_validate_rmsd_angle.label_alt_id_1 
_pdbx_validate_rmsd_angle.auth_atom_id_2 
_pdbx_validate_rmsd_angle.auth_asym_id_2 
_pdbx_validate_rmsd_angle.auth_comp_id_2 
_pdbx_validate_rmsd_angle.auth_seq_id_2 
_pdbx_validate_rmsd_angle.PDB_ins_code_2 
_pdbx_validate_rmsd_angle.label_alt_id_2 
_pdbx_validate_rmsd_angle.auth_atom_id_3 
_pdbx_validate_rmsd_angle.auth_asym_id_3 
_pdbx_validate_rmsd_angle.auth_comp_id_3 
_pdbx_validate_rmsd_angle.auth_seq_id_3 
_pdbx_validate_rmsd_angle.PDB_ins_code_3 
_pdbx_validate_rmsd_angle.label_alt_id_3 
_pdbx_validate_rmsd_angle.angle_value 
_pdbx_validate_rmsd_angle.angle_target_value 
_pdbx_validate_rmsd_angle.angle_deviation 
_pdbx_validate_rmsd_angle.angle_standard_deviation 
_pdbx_validate_rmsd_angle.linker_flag 
1   1 "O5'" A DC 1  ? ? "C5'" A DC 1  ? ? "C4'" A DC 1  ? ? 102.52 109.40 -6.88  0.80 N 
2   1 "O4'" A DC 1  ? ? "C4'" A DC 1  ? ? "C3'" A DC 1  ? ? 100.84 104.50 -3.66  0.40 N 
3   1 C2    A DC 1  ? ? N3    A DC 1  ? ? C4    A DC 1  ? ? 126.55 119.90 6.65   0.50 N 
4   1 N3    A DC 1  ? ? C4    A DC 1  ? ? C5    A DC 1  ? ? 114.64 121.90 -7.26  0.40 N 
5   1 N3    A DC 1  ? ? C4    A DC 1  ? ? N4    A DC 1  ? ? 122.59 118.00 4.59   0.70 N 
6   1 "O5'" A DG 2  ? ? P     A DG 2  ? ? OP1   A DG 2  ? ? 122.97 110.70 12.27  1.20 N 
7   1 "O5'" A DG 2  ? ? P     A DG 2  ? ? OP2   A DG 2  ? ? 93.12  105.70 -12.58 0.90 N 
8   1 "O5'" A DG 2  ? ? "C5'" A DG 2  ? ? "C4'" A DG 2  ? ? 98.68  109.40 -10.72 0.80 N 
9   1 "O4'" A DG 2  ? ? "C4'" A DG 2  ? ? "C3'" A DG 2  ? ? 101.49 104.50 -3.01  0.40 N 
10  1 "C3'" A DG 2  ? ? "C2'" A DG 2  ? ? "C1'" A DG 2  ? ? 97.37  102.40 -5.03  0.80 N 
11  1 "O4'" A DG 2  ? ? "C1'" A DG 2  ? ? N9    A DG 2  ? ? 115.70 108.30 7.40   0.30 N 
12  1 C6    A DG 2  ? ? N1    A DG 2  ? ? C2    A DG 2  ? ? 118.12 125.10 -6.98  0.60 N 
13  1 N1    A DG 2  ? ? C2    A DG 2  ? ? N3    A DG 2  ? ? 127.51 123.90 3.61   0.60 N 
14  1 C4    A DG 2  ? ? C5    A DG 2  ? ? C6    A DG 2  ? ? 114.45 118.80 -4.35  0.60 N 
15  1 C5    A DG 2  ? ? C6    A DG 2  ? ? N1    A DG 2  ? ? 119.78 111.50 8.28   0.50 N 
16  1 N7    A DG 2  ? ? C8    A DG 2  ? ? N9    A DG 2  ? ? 109.87 113.10 -3.23  0.50 N 
17  1 C8    A DG 2  ? ? N9    A DG 2  ? ? C4    A DG 2  ? ? 109.29 106.40 2.89   0.40 N 
18  1 C6    A DG 2  ? ? C5    A DG 2  ? ? N7    A DG 2  ? ? 135.11 130.40 4.71   0.60 N 
19  1 N1    A DG 2  ? ? C2    A DG 2  ? ? N2    A DG 2  ? ? 121.84 116.20 5.64   0.90 N 
20  1 N3    A DG 2  ? ? C2    A DG 2  ? ? N2    A DG 2  ? ? 110.59 119.90 -9.31  0.70 N 
21  1 C5    A DG 2  ? ? C6    A DG 2  ? ? O6    A DG 2  ? ? 123.08 128.60 -5.52  0.60 N 
22  1 "C3'" A DG 2  ? ? "O3'" A DG 2  ? ? P     A DT 3  ? ? 129.77 119.70 10.07  1.20 Y 
23  1 "O5'" A DT 3  ? ? P     A DT 3  ? ? OP2   A DT 3  ? ? 118.42 110.70 7.72   1.20 N 
24  1 "C4'" A DT 3  ? ? "C3'" A DT 3  ? ? "O3'" A DT 3  ? ? 94.01  109.70 -15.69 2.50 N 
25  1 "O4'" A DT 3  ? ? "C1'" A DT 3  ? ? "C2'" A DT 3  ? ? 113.88 106.80 7.08   0.50 N 
26  1 "O4'" A DT 3  ? ? "C1'" A DT 3  ? ? N1    A DT 3  ? ? 100.95 108.00 -7.05  0.70 N 
27  1 C4    A DT 3  ? ? C5    A DT 3  ? ? C7    A DT 3  ? ? 122.97 119.00 3.97   0.60 N 
28  1 "O5'" A DA 4  ? ? P     A DA 4  ? ? OP2   A DA 4  ? ? 125.27 110.70 14.57  1.20 N 
29  1 P     A DA 4  ? ? "O5'" A DA 4  ? ? "C5'" A DA 4  ? ? 133.10 120.90 12.20  1.60 N 
30  1 "O4'" A DA 4  ? ? "C1'" A DA 4  ? ? "C2'" A DA 4  ? ? 96.79  105.90 -9.11  0.80 N 
31  1 "O4'" A DA 4  ? ? "C1'" A DA 4  ? ? N9    A DA 4  ? ? 103.14 108.00 -4.86  0.70 N 
32  1 C6    A DA 4  ? ? N1    A DA 4  ? ? C2    A DA 4  ? ? 126.68 118.60 8.08   0.60 N 
33  1 N1    A DA 4  ? ? C2    A DA 4  ? ? N3    A DA 4  ? ? 122.17 129.30 -7.13  0.50 N 
34  1 C5    A DA 4  ? ? C6    A DA 4  ? ? N1    A DA 4  ? ? 114.63 117.70 -3.07  0.50 N 
35  1 C4    A DA 4  ? ? C5    A DA 4  ? ? N7    A DA 4  ? ? 114.49 110.70 3.79   0.50 N 
36  1 N9    A DA 4  ? ? C4    A DA 4  ? ? C5    A DA 4  ? ? 102.92 105.80 -2.88  0.40 N 
37  1 N1    A DA 4  ? ? C6    A DA 4  ? ? N6    A DA 4  ? ? 123.23 118.60 4.63   0.60 N 
38  1 "O5'" A DC 5  ? ? P     A DC 5  ? ? OP2   A DC 5  ? ? 118.13 110.70 7.43   1.20 N 
39  1 "C1'" A DC 5  ? ? "O4'" A DC 5  ? ? "C4'" A DC 5  ? ? 103.23 110.10 -6.87  1.00 N 
40  1 "C3'" A DC 5  ? ? "C2'" A DC 5  ? ? "C1'" A DC 5  ? ? 97.45  102.40 -4.95  0.80 N 
41  1 "O4'" A DC 5  ? ? "C1'" A DC 5  ? ? N1    A DC 5  ? ? 113.42 108.30 5.12   0.30 N 
42  1 C6    A DC 5  ? ? N1    A DC 5  ? ? C2    A DC 5  ? ? 117.31 120.30 -2.99  0.40 N 
43  1 C2    A DC 5  ? ? N3    A DC 5  ? ? C4    A DC 5  ? ? 126.43 119.90 6.53   0.50 N 
44  1 N3    A DC 5  ? ? C4    A DC 5  ? ? C5    A DC 5  ? ? 114.06 121.90 -7.84  0.40 N 
45  1 C5    A DC 5  ? ? C6    A DC 5  ? ? N1    A DC 5  ? ? 124.84 121.00 3.84   0.50 N 
46  1 N3    A DC 5  ? ? C4    A DC 5  ? ? N4    A DC 5  ? ? 124.31 118.00 6.31   0.70 N 
47  1 "C3'" A DC 5  ? ? "O3'" A DC 5  ? ? P     A DG 6  ? ? 134.45 119.70 14.75  1.20 Y 
48  1 N9    A DG 6  ? ? "C1'" A DG 6  ? ? "C2'" A DG 6  ? ? 123.46 114.30 9.16   1.40 N 
49  1 "O4'" A DG 6  ? ? "C1'" A DG 6  ? ? N9    A DG 6  ? ? 102.25 108.00 -5.75  0.70 N 
50  1 C6    A DG 6  ? ? N1    A DG 6  ? ? C2    A DG 6  ? ? 116.98 125.10 -8.12  0.60 N 
51  1 N1    A DG 6  ? ? C2    A DG 6  ? ? N3    A DG 6  ? ? 131.96 123.90 8.06   0.60 N 
52  1 C2    A DG 6  ? ? N3    A DG 6  ? ? C4    A DG 6  ? ? 107.80 111.90 -4.10  0.50 N 
53  1 C5    A DG 6  ? ? C6    A DG 6  ? ? N1    A DG 6  ? ? 117.70 111.50 6.20   0.50 N 
54  1 N1    A DG 6  ? ? C2    A DG 6  ? ? N2    A DG 6  ? ? 124.48 116.20 8.28   0.90 N 
55  1 N3    A DG 6  ? ? C2    A DG 6  ? ? N2    A DG 6  ? ? 103.41 119.90 -16.49 0.70 N 
56  1 C5    A DG 6  ? ? C6    A DG 6  ? ? O6    A DG 6  ? ? 122.70 128.60 -5.90  0.60 N 
57  1 "O5'" B DC 7  ? ? "C5'" B DC 7  ? ? "C4'" B DC 7  ? ? 95.92  109.40 -13.48 0.80 N 
58  1 "O4'" B DC 7  ? ? "C4'" B DC 7  ? ? "C3'" B DC 7  ? ? 100.63 104.50 -3.87  0.40 N 
59  1 "C5'" B DC 7  ? ? "C4'" B DC 7  ? ? "C3'" B DC 7  ? ? 124.18 115.70 8.48   1.20 N 
60  1 "C1'" B DC 7  ? ? "O4'" B DC 7  ? ? "C4'" B DC 7  ? ? 114.62 110.30 4.32   0.70 N 
61  1 "O4'" B DC 7  ? ? "C1'" B DC 7  ? ? N1    B DC 7  ? ? 102.50 108.00 -5.50  0.70 N 
62  1 N1    B DC 7  ? ? C2    B DC 7  ? ? O2    B DC 7  ? ? 126.90 118.90 8.00   0.60 N 
63  1 N3    B DC 7  ? ? C2    B DC 7  ? ? O2    B DC 7  ? ? 115.61 121.90 -6.29  0.70 N 
64  1 C5    B DC 7  ? ? C4    B DC 7  ? ? N4    B DC 7  ? ? 124.71 120.20 4.51   0.70 N 
65  1 OP1   B DG 8  ? ? P     B DG 8  ? ? OP2   B DG 8  ? ? 132.95 119.60 13.35  1.50 N 
66  1 "O5'" B DG 8  ? ? P     B DG 8  ? ? OP2   B DG 8  ? ? 97.36  105.70 -8.34  0.90 N 
67  1 "O5'" B DG 8  ? ? "C5'" B DG 8  ? ? "C4'" B DG 8  ? ? 102.50 109.40 -6.90  0.80 N 
68  1 "C1'" B DG 8  ? ? "O4'" B DG 8  ? ? "C4'" B DG 8  ? ? 114.94 110.30 4.64   0.70 N 
69  1 "C3'" B DG 8  ? ? "C2'" B DG 8  ? ? "C1'" B DG 8  ? ? 97.19  102.40 -5.21  0.80 N 
70  1 "O4'" B DG 8  ? ? "C1'" B DG 8  ? ? N9    B DG 8  ? ? 124.83 108.30 16.53  0.30 N 
71  1 C4    B DG 8  ? ? C5    B DG 8  ? ? C6    B DG 8  ? ? 115.07 118.80 -3.73  0.60 N 
72  1 C5    B DG 8  ? ? C6    B DG 8  ? ? N1    B DG 8  ? ? 118.89 111.50 7.39   0.50 N 
73  1 N1    B DG 8  ? ? C2    B DG 8  ? ? N2    B DG 8  ? ? 126.19 116.20 9.99   0.90 N 
74  1 N3    B DG 8  ? ? C2    B DG 8  ? ? N2    B DG 8  ? ? 107.38 119.90 -12.52 0.70 N 
75  1 C5    B DG 8  ? ? C6    B DG 8  ? ? O6    B DG 8  ? ? 122.70 128.60 -5.90  0.60 N 
76  1 "C3'" B DG 8  ? ? "O3'" B DG 8  ? ? P     B DT 9  ? ? 142.67 119.70 22.97  1.20 Y 
77  1 "O3'" B DG 8  ? ? P     B DT 9  ? ? "O5'" B DT 9  ? ? 115.78 104.00 11.78  1.90 Y 
78  1 "O3'" B DG 8  ? ? P     B DT 9  ? ? OP2   B DT 9  ? ? 91.65  105.20 -13.55 2.20 Y 
79  1 "O5'" B DT 9  ? ? P     B DT 9  ? ? OP1   B DT 9  ? ? 94.19  105.70 -11.51 0.90 N 
80  1 "O5'" B DT 9  ? ? P     B DT 9  ? ? OP2   B DT 9  ? ? 122.52 110.70 11.82  1.20 N 
81  1 P     B DT 9  ? ? "O5'" B DT 9  ? ? "C5'" B DT 9  ? ? 102.28 120.90 -18.62 1.60 N 
82  1 "C5'" B DT 9  ? ? "C4'" B DT 9  ? ? "C3'" B DT 9  ? ? 99.03  114.10 -15.07 1.80 N 
83  1 "O4'" B DT 9  ? ? "C1'" B DT 9  ? ? N1    B DT 9  ? ? 98.89  108.00 -9.11  0.70 N 
84  1 "C3'" B DT 9  ? ? "O3'" B DT 9  ? ? P     B DA 10 ? ? 112.11 119.70 -7.59  1.20 Y 
85  1 "O3'" B DT 9  ? ? P     B DA 10 ? ? "O5'" B DA 10 ? ? 116.87 104.00 12.87  1.90 Y 
86  1 P     B DA 10 ? ? "O5'" B DA 10 ? ? "C5'" B DA 10 ? ? 106.78 120.90 -14.12 1.60 N 
87  1 "C1'" B DA 10 ? ? "O4'" B DA 10 ? ? "C4'" B DA 10 ? ? 115.03 110.30 4.73   0.70 N 
88  1 "C4'" B DA 10 ? ? "C3'" B DA 10 ? ? "C2'" B DA 10 ? ? 108.59 103.10 5.49   0.90 N 
89  1 "O5'" B DC 11 ? ? P     B DC 11 ? ? OP1   B DC 11 ? ? 98.04  105.70 -7.66  0.90 N 
90  1 "O5'" B DC 11 ? ? P     B DC 11 ? ? OP2   B DC 11 ? ? 129.78 110.70 19.08  1.20 N 
91  1 "C3'" B DC 11 ? ? "C2'" B DC 11 ? ? "C1'" B DC 11 ? ? 95.75  102.40 -6.65  0.80 N 
92  1 "O4'" B DC 11 ? ? "C1'" B DC 11 ? ? "C2'" B DC 11 ? ? 99.58  105.90 -6.32  0.80 N 
93  1 "O4'" B DC 11 ? ? "C1'" B DC 11 ? ? N1    B DC 11 ? ? 114.10 108.30 5.80   0.30 N 
94  1 C2    B DC 11 ? ? N3    B DC 11 ? ? C4    B DC 11 ? ? 124.02 119.90 4.12   0.50 N 
95  1 N3    B DC 11 ? ? C4    B DC 11 ? ? C5    B DC 11 ? ? 115.94 121.90 -5.96  0.40 N 
96  1 C4    B DC 11 ? ? C5    B DC 11 ? ? C6    B DC 11 ? ? 120.78 117.40 3.38   0.50 N 
97  1 N1    B DC 11 ? ? C2    B DC 11 ? ? O2    B DC 11 ? ? 122.59 118.90 3.69   0.60 N 
98  1 C5    B DC 11 ? ? C4    B DC 11 ? ? N4    B DC 11 ? ? 126.78 120.20 6.58   0.70 N 
99  1 "O3'" B DC 11 ? ? P     B DG 12 ? ? "O5'" B DG 12 ? ? 117.27 104.00 13.27  1.90 Y 
100 1 "O5'" B DG 12 ? ? P     B DG 12 ? ? OP1   B DG 12 ? ? 97.06  105.70 -8.64  0.90 N 
101 1 "O5'" B DG 12 ? ? P     B DG 12 ? ? OP2   B DG 12 ? ? 121.10 110.70 10.40  1.20 N 
102 1 "O4'" B DG 12 ? ? "C4'" B DG 12 ? ? "C3'" B DG 12 ? ? 100.24 104.50 -4.26  0.40 N 
103 1 "C4'" B DG 12 ? ? "C3'" B DG 12 ? ? "C2'" B DG 12 ? ? 94.02  102.20 -8.18  0.70 N 
104 1 C4    B DG 12 ? ? C5    B DG 12 ? ? C6    B DG 12 ? ? 114.34 118.80 -4.46  0.60 N 
105 1 C5    B DG 12 ? ? C6    B DG 12 ? ? N1    B DG 12 ? ? 118.76 111.50 7.26   0.50 N 
106 1 N9    B DG 12 ? ? C4    B DG 12 ? ? C5    B DG 12 ? ? 102.49 105.40 -2.91  0.40 N 
107 1 N3    B DG 12 ? ? C4    B DG 12 ? ? N9    B DG 12 ? ? 130.81 126.00 4.81   0.60 N 
108 1 N3    B DG 12 ? ? C2    B DG 12 ? ? N2    B DG 12 ? ? 114.67 119.90 -5.23  0.70 N 
109 1 C5    B DG 12 ? ? C6    B DG 12 ? ? O6    B DG 12 ? ? 121.63 128.60 -6.97  0.60 N 
# 
_struct_site_keywords.site_id   1 
_struct_site_keywords.text      INTERCALATION 
# 
loop_
_refine_B_iso.class 
_refine_B_iso.details 
_refine_B_iso.treatment 
_refine_B_iso.pdbx_refine_id 
'ALL ATOMS'  TR isotropic 'X-RAY DIFFRACTION' 
'ALL WATERS' TR isotropic 'X-RAY DIFFRACTION' 
# 
loop_
_refine_occupancy.class 
_refine_occupancy.treatment 
_refine_occupancy.pdbx_refine_id 
'ALL ATOMS'  fix 'X-RAY DIFFRACTION' 
'ALL WATERS' fix 'X-RAY DIFFRACTION' 
# 
loop_
_chem_comp_atom.comp_id 
_chem_comp_atom.atom_id 
_chem_comp_atom.type_symbol 
_chem_comp_atom.pdbx_aromatic_flag 
_chem_comp_atom.pdbx_stereo_config 
_chem_comp_atom.pdbx_ordinal 
DA  OP3    O  N N 1   
DA  P      P  N N 2   
DA  OP1    O  N N 3   
DA  OP2    O  N N 4   
DA  "O5'"  O  N N 5   
DA  "C5'"  C  N N 6   
DA  "C4'"  C  N R 7   
DA  "O4'"  O  N N 8   
DA  "C3'"  C  N S 9   
DA  "O3'"  O  N N 10  
DA  "C2'"  C  N N 11  
DA  "C1'"  C  N R 12  
DA  N9     N  Y N 13  
DA  C8     C  Y N 14  
DA  N7     N  Y N 15  
DA  C5     C  Y N 16  
DA  C6     C  Y N 17  
DA  N6     N  N N 18  
DA  N1     N  Y N 19  
DA  C2     C  Y N 20  
DA  N3     N  Y N 21  
DA  C4     C  Y N 22  
DA  HOP3   H  N N 23  
DA  HOP2   H  N N 24  
DA  "H5'"  H  N N 25  
DA  "H5''" H  N N 26  
DA  "H4'"  H  N N 27  
DA  "H3'"  H  N N 28  
DA  "HO3'" H  N N 29  
DA  "H2'"  H  N N 30  
DA  "H2''" H  N N 31  
DA  "H1'"  H  N N 32  
DA  H8     H  N N 33  
DA  H61    H  N N 34  
DA  H62    H  N N 35  
DA  H2     H  N N 36  
DC  OP3    O  N N 37  
DC  P      P  N N 38  
DC  OP1    O  N N 39  
DC  OP2    O  N N 40  
DC  "O5'"  O  N N 41  
DC  "C5'"  C  N N 42  
DC  "C4'"  C  N R 43  
DC  "O4'"  O  N N 44  
DC  "C3'"  C  N S 45  
DC  "O3'"  O  N N 46  
DC  "C2'"  C  N N 47  
DC  "C1'"  C  N R 48  
DC  N1     N  N N 49  
DC  C2     C  N N 50  
DC  O2     O  N N 51  
DC  N3     N  N N 52  
DC  C4     C  N N 53  
DC  N4     N  N N 54  
DC  C5     C  N N 55  
DC  C6     C  N N 56  
DC  HOP3   H  N N 57  
DC  HOP2   H  N N 58  
DC  "H5'"  H  N N 59  
DC  "H5''" H  N N 60  
DC  "H4'"  H  N N 61  
DC  "H3'"  H  N N 62  
DC  "HO3'" H  N N 63  
DC  "H2'"  H  N N 64  
DC  "H2''" H  N N 65  
DC  "H1'"  H  N N 66  
DC  H41    H  N N 67  
DC  H42    H  N N 68  
DC  H5     H  N N 69  
DC  H6     H  N N 70  
DG  OP3    O  N N 71  
DG  P      P  N N 72  
DG  OP1    O  N N 73  
DG  OP2    O  N N 74  
DG  "O5'"  O  N N 75  
DG  "C5'"  C  N N 76  
DG  "C4'"  C  N R 77  
DG  "O4'"  O  N N 78  
DG  "C3'"  C  N S 79  
DG  "O3'"  O  N N 80  
DG  "C2'"  C  N N 81  
DG  "C1'"  C  N R 82  
DG  N9     N  Y N 83  
DG  C8     C  Y N 84  
DG  N7     N  Y N 85  
DG  C5     C  Y N 86  
DG  C6     C  N N 87  
DG  O6     O  N N 88  
DG  N1     N  N N 89  
DG  C2     C  N N 90  
DG  N2     N  N N 91  
DG  N3     N  N N 92  
DG  C4     C  Y N 93  
DG  HOP3   H  N N 94  
DG  HOP2   H  N N 95  
DG  "H5'"  H  N N 96  
DG  "H5''" H  N N 97  
DG  "H4'"  H  N N 98  
DG  "H3'"  H  N N 99  
DG  "HO3'" H  N N 100 
DG  "H2'"  H  N N 101 
DG  "H2''" H  N N 102 
DG  "H1'"  H  N N 103 
DG  H8     H  N N 104 
DG  H1     H  N N 105 
DG  H21    H  N N 106 
DG  H22    H  N N 107 
DMM C1     C  Y N 108 
DMM C2     C  Y N 109 
DMM C3     C  Y N 110 
DMM C4     C  Y N 111 
DMM O4     O  N N 112 
DMM C5     C  Y N 113 
DMM C6     C  N N 114 
DMM O6     O  N N 115 
DMM C7     C  Y N 116 
DMM C8     C  Y N 117 
DMM O8     O  N N 118 
DMM C9     C  Y N 119 
DMM C10    C  N S 120 
DMM O10    O  N N 121 
DMM C11    C  N N 122 
DMM C12    C  N S 123 
DMM O12    O  N N 124 
DMM C13    C  N N 125 
DMM O13    O  N N 126 
DMM C14    C  N N 127 
DMM O14    O  N N 128 
DMM C15    C  N N 129 
DMM C16    C  Y N 130 
DMM C17    C  Y N 131 
DMM O17    O  N N 132 
DMM C18    C  Y N 133 
DMM C19    C  N N 134 
DMM O19    O  N N 135 
DMM C20    C  Y N 136 
DMM C21    C  N N 137 
DMM "C1'"  C  N R 138 
DMM "C2'"  C  N N 139 
DMM "C3'"  C  N S 140 
DMM "C4'"  C  N S 141 
DMM "O4'"  O  N N 142 
DMM "C5'"  C  N S 143 
DMM "O5'"  O  N N 144 
DMM "C6'"  C  N N 145 
DMM "N3'"  N  N N 146 
DMM C33    C  N N 147 
DMM C23    C  N S 148 
DMM O16    O  N N 149 
DMM C63    C  N N 150 
DMM C53    C  N N 151 
DMM O23    O  N N 152 
DMM C73    C  N N 153 
DMM H1     H  N N 154 
DMM H2     H  N N 155 
DMM H3     H  N N 156 
DMM HO8    H  N N 157 
DMM H10    H  N N 158 
DMM H111   H  N N 159 
DMM H112   H  N N 160 
DMM HO12   H  N N 161 
DMM H141   H  N N 162 
DMM H142   H  N N 163 
DMM HO14   H  N N 164 
DMM H151   H  N N 165 
DMM H152   H  N N 166 
DMM HO17   H  N N 167 
DMM H211   H  N N 168 
DMM H212   H  N N 169 
DMM H213   H  N N 170 
DMM "H1'"  H  N N 171 
DMM "H2'1" H  N N 172 
DMM "H2'2" H  N N 173 
DMM "H3'"  H  N N 174 
DMM "H4'"  H  N N 175 
DMM "HO4'" H  N N 176 
DMM "H5'"  H  N N 177 
DMM "H6'1" H  N N 178 
DMM "H6'2" H  N N 179 
DMM "H6'3" H  N N 180 
DMM H331   H  N N 181 
DMM H332   H  N N 182 
DMM H23    H  N N 183 
DMM H631   H  N N 184 
DMM H632   H  N N 185 
DMM H531   H  N N 186 
DMM H532   H  N N 187 
DMM H731   H  N N 188 
DMM H732   H  N N 189 
DMM H733   H  N N 190 
DT  OP3    O  N N 191 
DT  P      P  N N 192 
DT  OP1    O  N N 193 
DT  OP2    O  N N 194 
DT  "O5'"  O  N N 195 
DT  "C5'"  C  N N 196 
DT  "C4'"  C  N R 197 
DT  "O4'"  O  N N 198 
DT  "C3'"  C  N S 199 
DT  "O3'"  O  N N 200 
DT  "C2'"  C  N N 201 
DT  "C1'"  C  N R 202 
DT  N1     N  N N 203 
DT  C2     C  N N 204 
DT  O2     O  N N 205 
DT  N3     N  N N 206 
DT  C4     C  N N 207 
DT  O4     O  N N 208 
DT  C5     C  N N 209 
DT  C7     C  N N 210 
DT  C6     C  N N 211 
DT  HOP3   H  N N 212 
DT  HOP2   H  N N 213 
DT  "H5'"  H  N N 214 
DT  "H5''" H  N N 215 
DT  "H4'"  H  N N 216 
DT  "H3'"  H  N N 217 
DT  "HO3'" H  N N 218 
DT  "H2'"  H  N N 219 
DT  "H2''" H  N N 220 
DT  "H1'"  H  N N 221 
DT  H3     H  N N 222 
DT  H71    H  N N 223 
DT  H72    H  N N 224 
DT  H73    H  N N 225 
DT  H6     H  N N 226 
HOH O      O  N N 227 
HOH H1     H  N N 228 
HOH H2     H  N N 229 
MG  MG     MG N N 230 
NA  NA     NA N N 231 
# 
loop_
_chem_comp_bond.comp_id 
_chem_comp_bond.atom_id_1 
_chem_comp_bond.atom_id_2 
_chem_comp_bond.value_order 
_chem_comp_bond.pdbx_aromatic_flag 
_chem_comp_bond.pdbx_stereo_config 
_chem_comp_bond.pdbx_ordinal 
DA  OP3   P      sing N N 1   
DA  OP3   HOP3   sing N N 2   
DA  P     OP1    doub N N 3   
DA  P     OP2    sing N N 4   
DA  P     "O5'"  sing N N 5   
DA  OP2   HOP2   sing N N 6   
DA  "O5'" "C5'"  sing N N 7   
DA  "C5'" "C4'"  sing N N 8   
DA  "C5'" "H5'"  sing N N 9   
DA  "C5'" "H5''" sing N N 10  
DA  "C4'" "O4'"  sing N N 11  
DA  "C4'" "C3'"  sing N N 12  
DA  "C4'" "H4'"  sing N N 13  
DA  "O4'" "C1'"  sing N N 14  
DA  "C3'" "O3'"  sing N N 15  
DA  "C3'" "C2'"  sing N N 16  
DA  "C3'" "H3'"  sing N N 17  
DA  "O3'" "HO3'" sing N N 18  
DA  "C2'" "C1'"  sing N N 19  
DA  "C2'" "H2'"  sing N N 20  
DA  "C2'" "H2''" sing N N 21  
DA  "C1'" N9     sing N N 22  
DA  "C1'" "H1'"  sing N N 23  
DA  N9    C8     sing Y N 24  
DA  N9    C4     sing Y N 25  
DA  C8    N7     doub Y N 26  
DA  C8    H8     sing N N 27  
DA  N7    C5     sing Y N 28  
DA  C5    C6     sing Y N 29  
DA  C5    C4     doub Y N 30  
DA  C6    N6     sing N N 31  
DA  C6    N1     doub Y N 32  
DA  N6    H61    sing N N 33  
DA  N6    H62    sing N N 34  
DA  N1    C2     sing Y N 35  
DA  C2    N3     doub Y N 36  
DA  C2    H2     sing N N 37  
DA  N3    C4     sing Y N 38  
DC  OP3   P      sing N N 39  
DC  OP3   HOP3   sing N N 40  
DC  P     OP1    doub N N 41  
DC  P     OP2    sing N N 42  
DC  P     "O5'"  sing N N 43  
DC  OP2   HOP2   sing N N 44  
DC  "O5'" "C5'"  sing N N 45  
DC  "C5'" "C4'"  sing N N 46  
DC  "C5'" "H5'"  sing N N 47  
DC  "C5'" "H5''" sing N N 48  
DC  "C4'" "O4'"  sing N N 49  
DC  "C4'" "C3'"  sing N N 50  
DC  "C4'" "H4'"  sing N N 51  
DC  "O4'" "C1'"  sing N N 52  
DC  "C3'" "O3'"  sing N N 53  
DC  "C3'" "C2'"  sing N N 54  
DC  "C3'" "H3'"  sing N N 55  
DC  "O3'" "HO3'" sing N N 56  
DC  "C2'" "C1'"  sing N N 57  
DC  "C2'" "H2'"  sing N N 58  
DC  "C2'" "H2''" sing N N 59  
DC  "C1'" N1     sing N N 60  
DC  "C1'" "H1'"  sing N N 61  
DC  N1    C2     sing N N 62  
DC  N1    C6     sing N N 63  
DC  C2    O2     doub N N 64  
DC  C2    N3     sing N N 65  
DC  N3    C4     doub N N 66  
DC  C4    N4     sing N N 67  
DC  C4    C5     sing N N 68  
DC  N4    H41    sing N N 69  
DC  N4    H42    sing N N 70  
DC  C5    C6     doub N N 71  
DC  C5    H5     sing N N 72  
DC  C6    H6     sing N N 73  
DG  OP3   P      sing N N 74  
DG  OP3   HOP3   sing N N 75  
DG  P     OP1    doub N N 76  
DG  P     OP2    sing N N 77  
DG  P     "O5'"  sing N N 78  
DG  OP2   HOP2   sing N N 79  
DG  "O5'" "C5'"  sing N N 80  
DG  "C5'" "C4'"  sing N N 81  
DG  "C5'" "H5'"  sing N N 82  
DG  "C5'" "H5''" sing N N 83  
DG  "C4'" "O4'"  sing N N 84  
DG  "C4'" "C3'"  sing N N 85  
DG  "C4'" "H4'"  sing N N 86  
DG  "O4'" "C1'"  sing N N 87  
DG  "C3'" "O3'"  sing N N 88  
DG  "C3'" "C2'"  sing N N 89  
DG  "C3'" "H3'"  sing N N 90  
DG  "O3'" "HO3'" sing N N 91  
DG  "C2'" "C1'"  sing N N 92  
DG  "C2'" "H2'"  sing N N 93  
DG  "C2'" "H2''" sing N N 94  
DG  "C1'" N9     sing N N 95  
DG  "C1'" "H1'"  sing N N 96  
DG  N9    C8     sing Y N 97  
DG  N9    C4     sing Y N 98  
DG  C8    N7     doub Y N 99  
DG  C8    H8     sing N N 100 
DG  N7    C5     sing Y N 101 
DG  C5    C6     sing N N 102 
DG  C5    C4     doub Y N 103 
DG  C6    O6     doub N N 104 
DG  C6    N1     sing N N 105 
DG  N1    C2     sing N N 106 
DG  N1    H1     sing N N 107 
DG  C2    N2     sing N N 108 
DG  C2    N3     doub N N 109 
DG  N2    H21    sing N N 110 
DG  N2    H22    sing N N 111 
DG  N3    C4     sing N N 112 
DMM C1    C2     doub Y N 113 
DMM C1    C20    sing Y N 114 
DMM C1    H1     sing N N 115 
DMM C2    C3     sing Y N 116 
DMM C2    H2     sing N N 117 
DMM C3    C4     doub Y N 118 
DMM C3    H3     sing N N 119 
DMM C4    O4     sing N N 120 
DMM C4    C5     sing Y N 121 
DMM O4    C21    sing N N 122 
DMM C5    C6     sing N N 123 
DMM C5    C20    doub Y N 124 
DMM C6    O6     doub N N 125 
DMM C6    C7     sing N N 126 
DMM C7    C8     doub Y N 127 
DMM C7    C18    sing Y N 128 
DMM C8    O8     sing N N 129 
DMM C8    C9     sing Y N 130 
DMM O8    HO8    sing N N 131 
DMM C9    C10    sing N N 132 
DMM C9    C16    doub Y N 133 
DMM C10   O10    sing N N 134 
DMM C10   C11    sing N N 135 
DMM C10   H10    sing N N 136 
DMM O10   "C1'"  sing N N 137 
DMM C11   C12    sing N N 138 
DMM C11   H111   sing N N 139 
DMM C11   H112   sing N N 140 
DMM C12   O12    sing N N 141 
DMM C12   C13    sing N N 142 
DMM C12   C15    sing N N 143 
DMM O12   HO12   sing N N 144 
DMM C13   O13    doub N N 145 
DMM C13   C14    sing N N 146 
DMM C14   O14    sing N N 147 
DMM C14   H141   sing N N 148 
DMM C14   H142   sing N N 149 
DMM O14   HO14   sing N N 150 
DMM C15   C16    sing N N 151 
DMM C15   H151   sing N N 152 
DMM C15   H152   sing N N 153 
DMM C16   C17    sing Y N 154 
DMM C17   O17    sing N N 155 
DMM C17   C18    doub Y N 156 
DMM O17   HO17   sing N N 157 
DMM C18   C19    sing N N 158 
DMM C19   O19    doub N N 159 
DMM C19   C20    sing N N 160 
DMM C21   H211   sing N N 161 
DMM C21   H212   sing N N 162 
DMM C21   H213   sing N N 163 
DMM "C1'" "C2'"  sing N N 164 
DMM "C1'" "O5'"  sing N N 165 
DMM "C1'" "H1'"  sing N N 166 
DMM "C2'" "C3'"  sing N N 167 
DMM "C2'" "H2'1" sing N N 168 
DMM "C2'" "H2'2" sing N N 169 
DMM "C3'" "C4'"  sing N N 170 
DMM "C3'" "N3'"  sing N N 171 
DMM "C3'" "H3'"  sing N N 172 
DMM "C4'" "O4'"  sing N N 173 
DMM "C4'" "C5'"  sing N N 174 
DMM "C4'" "H4'"  sing N N 175 
DMM "O4'" "HO4'" sing N N 176 
DMM "C5'" "O5'"  sing N N 177 
DMM "C5'" "C6'"  sing N N 178 
DMM "C5'" "H5'"  sing N N 179 
DMM "C6'" "H6'1" sing N N 180 
DMM "C6'" "H6'2" sing N N 181 
DMM "C6'" "H6'3" sing N N 182 
DMM "N3'" C33    sing N N 183 
DMM "N3'" C53    sing N N 184 
DMM C33   C23    sing N N 185 
DMM C33   H331   sing N N 186 
DMM C33   H332   sing N N 187 
DMM C23   O16    sing N N 188 
DMM C23   O23    sing N N 189 
DMM C23   H23    sing N N 190 
DMM O16   C63    sing N N 191 
DMM C63   C53    sing N N 192 
DMM C63   H631   sing N N 193 
DMM C63   H632   sing N N 194 
DMM C53   H531   sing N N 195 
DMM C53   H532   sing N N 196 
DMM O23   C73    sing N N 197 
DMM C73   H731   sing N N 198 
DMM C73   H732   sing N N 199 
DMM C73   H733   sing N N 200 
DT  OP3   P      sing N N 201 
DT  OP3   HOP3   sing N N 202 
DT  P     OP1    doub N N 203 
DT  P     OP2    sing N N 204 
DT  P     "O5'"  sing N N 205 
DT  OP2   HOP2   sing N N 206 
DT  "O5'" "C5'"  sing N N 207 
DT  "C5'" "C4'"  sing N N 208 
DT  "C5'" "H5'"  sing N N 209 
DT  "C5'" "H5''" sing N N 210 
DT  "C4'" "O4'"  sing N N 211 
DT  "C4'" "C3'"  sing N N 212 
DT  "C4'" "H4'"  sing N N 213 
DT  "O4'" "C1'"  sing N N 214 
DT  "C3'" "O3'"  sing N N 215 
DT  "C3'" "C2'"  sing N N 216 
DT  "C3'" "H3'"  sing N N 217 
DT  "O3'" "HO3'" sing N N 218 
DT  "C2'" "C1'"  sing N N 219 
DT  "C2'" "H2'"  sing N N 220 
DT  "C2'" "H2''" sing N N 221 
DT  "C1'" N1     sing N N 222 
DT  "C1'" "H1'"  sing N N 223 
DT  N1    C2     sing N N 224 
DT  N1    C6     sing N N 225 
DT  C2    O2     doub N N 226 
DT  C2    N3     sing N N 227 
DT  N3    C4     sing N N 228 
DT  N3    H3     sing N N 229 
DT  C4    O4     doub N N 230 
DT  C4    C5     sing N N 231 
DT  C5    C7     sing N N 232 
DT  C5    C6     doub N N 233 
DT  C7    H71    sing N N 234 
DT  C7    H72    sing N N 235 
DT  C7    H73    sing N N 236 
DT  C6    H6     sing N N 237 
HOH O     H1     sing N N 238 
HOH O     H2     sing N N 239 
# 
_ndb_struct_conf_na.entry_id   2DES 
_ndb_struct_conf_na.feature    'b-form double helix' 
# 
loop_
_ndb_struct_na_base_pair.model_number 
_ndb_struct_na_base_pair.i_label_asym_id 
_ndb_struct_na_base_pair.i_label_comp_id 
_ndb_struct_na_base_pair.i_label_seq_id 
_ndb_struct_na_base_pair.i_symmetry 
_ndb_struct_na_base_pair.j_label_asym_id 
_ndb_struct_na_base_pair.j_label_comp_id 
_ndb_struct_na_base_pair.j_label_seq_id 
_ndb_struct_na_base_pair.j_symmetry 
_ndb_struct_na_base_pair.shear 
_ndb_struct_na_base_pair.stretch 
_ndb_struct_na_base_pair.stagger 
_ndb_struct_na_base_pair.buckle 
_ndb_struct_na_base_pair.propeller 
_ndb_struct_na_base_pair.opening 
_ndb_struct_na_base_pair.pair_number 
_ndb_struct_na_base_pair.pair_name 
_ndb_struct_na_base_pair.i_auth_asym_id 
_ndb_struct_na_base_pair.i_auth_seq_id 
_ndb_struct_na_base_pair.i_PDB_ins_code 
_ndb_struct_na_base_pair.j_auth_asym_id 
_ndb_struct_na_base_pair.j_auth_seq_id 
_ndb_struct_na_base_pair.j_PDB_ins_code 
_ndb_struct_na_base_pair.hbond_type_28 
_ndb_struct_na_base_pair.hbond_type_12 
1 A DC 1 1_555 B DG 6 1_555 0.356  -0.211 -0.328 11.873  1.497   -1.507 1 A_DC1:DG12_B A 1 ? B 12 ? 19 1 
1 A DG 2 1_555 B DC 5 1_555 -0.233 -0.129 -0.247 -12.101 1.655   3.465  2 A_DG2:DC11_B A 2 ? B 11 ? 19 1 
1 A DT 3 1_555 B DA 4 1_555 -0.241 -0.094 -0.046 -7.803  -13.154 3.932  3 A_DT3:DA10_B A 3 ? B 10 ? 20 1 
1 A DA 4 1_555 B DT 3 1_555 0.182  -0.114 0.130  8.053   -8.611  3.486  4 A_DA4:DT9_B  A 4 ? B 9  ? 20 1 
1 A DC 5 1_555 B DG 2 1_555 0.369  -0.216 -0.107 13.863  3.483   1.693  5 A_DC5:DG8_B  A 5 ? B 8  ? 19 1 
1 A DG 6 1_555 B DC 1 1_555 -0.224 -0.170 -0.303 -12.575 1.532   -2.054 6 A_DG6:DC7_B  A 6 ? B 7  ? 19 1 
# 
loop_
_ndb_struct_na_base_pair_step.model_number 
_ndb_struct_na_base_pair_step.i_label_asym_id_1 
_ndb_struct_na_base_pair_step.i_label_comp_id_1 
_ndb_struct_na_base_pair_step.i_label_seq_id_1 
_ndb_struct_na_base_pair_step.i_symmetry_1 
_ndb_struct_na_base_pair_step.j_label_asym_id_1 
_ndb_struct_na_base_pair_step.j_label_comp_id_1 
_ndb_struct_na_base_pair_step.j_label_seq_id_1 
_ndb_struct_na_base_pair_step.j_symmetry_1 
_ndb_struct_na_base_pair_step.i_label_asym_id_2 
_ndb_struct_na_base_pair_step.i_label_comp_id_2 
_ndb_struct_na_base_pair_step.i_label_seq_id_2 
_ndb_struct_na_base_pair_step.i_symmetry_2 
_ndb_struct_na_base_pair_step.j_label_asym_id_2 
_ndb_struct_na_base_pair_step.j_label_comp_id_2 
_ndb_struct_na_base_pair_step.j_label_seq_id_2 
_ndb_struct_na_base_pair_step.j_symmetry_2 
_ndb_struct_na_base_pair_step.shift 
_ndb_struct_na_base_pair_step.slide 
_ndb_struct_na_base_pair_step.rise 
_ndb_struct_na_base_pair_step.tilt 
_ndb_struct_na_base_pair_step.roll 
_ndb_struct_na_base_pair_step.twist 
_ndb_struct_na_base_pair_step.x_displacement 
_ndb_struct_na_base_pair_step.y_displacement 
_ndb_struct_na_base_pair_step.helical_rise 
_ndb_struct_na_base_pair_step.inclination 
_ndb_struct_na_base_pair_step.tip 
_ndb_struct_na_base_pair_step.helical_twist 
_ndb_struct_na_base_pair_step.step_number 
_ndb_struct_na_base_pair_step.step_name 
_ndb_struct_na_base_pair_step.i_auth_asym_id_1 
_ndb_struct_na_base_pair_step.i_auth_seq_id_1 
_ndb_struct_na_base_pair_step.i_PDB_ins_code_1 
_ndb_struct_na_base_pair_step.j_auth_asym_id_1 
_ndb_struct_na_base_pair_step.j_auth_seq_id_1 
_ndb_struct_na_base_pair_step.j_PDB_ins_code_1 
_ndb_struct_na_base_pair_step.i_auth_asym_id_2 
_ndb_struct_na_base_pair_step.i_auth_seq_id_2 
_ndb_struct_na_base_pair_step.i_PDB_ins_code_2 
_ndb_struct_na_base_pair_step.j_auth_asym_id_2 
_ndb_struct_na_base_pair_step.j_auth_seq_id_2 
_ndb_struct_na_base_pair_step.j_PDB_ins_code_2 
1 A DC 1 1_555 B DG 6 1_555 A DG 2 1_555 B DC 5 1_555 1.579  1.013  7.062 0.361  -0.222 32.517 1.894  -2.684 7.071 -0.396 -0.645 
32.520 1 AA_DC1DG2:DC11DG12_BB A 1 ? B 12 ? A 2 ? B 11 ? 
1 A DG 2 1_555 B DC 5 1_555 A DT 3 1_555 B DA 4 1_555 -0.889 -0.332 3.322 -0.494 -0.552 28.900 -0.540 1.669  3.342 -1.105 0.989  
28.909 2 AA_DG2DT3:DA10DC11_BB A 2 ? B 11 ? A 3 ? B 10 ? 
1 A DT 3 1_555 B DA 4 1_555 A DA 4 1_555 B DT 3 1_555 -0.067 0.963  3.109 -2.478 9.199  41.552 0.414  -0.154 3.239 12.765 3.439  
42.583 3 AA_DT3DA4:DT9DA10_BB  A 3 ? B 10 ? A 4 ? B 9  ? 
1 A DA 4 1_555 B DT 3 1_555 A DC 5 1_555 B DG 2 1_555 0.803  -0.381 3.380 1.020  -3.637 31.363 0.004  -1.279 3.425 -6.698 -1.878 
31.584 4 AA_DA4DC5:DG8DT9_BB   A 4 ? B 9  ? A 5 ? B 8  ? 
1 A DC 5 1_555 B DG 2 1_555 A DG 6 1_555 B DC 1 1_555 -1.516 1.158  7.044 -0.772 -1.795 32.784 2.708  2.397  7.005 -3.176 1.366  
32.841 5 AA_DC5DG6:DC7DG8_BB   A 5 ? B 8  ? A 6 ? B 7  ? 
# 
_atom_sites.entry_id                    2DES 
_atom_sites.fract_transf_matrix[1][1]   0.02208176 
_atom_sites.fract_transf_matrix[1][2]   -0.04774137 
_atom_sites.fract_transf_matrix[1][3]   0.02124498 
_atom_sites.fract_transf_matrix[2][1]   -0.02855649 
_atom_sites.fract_transf_matrix[2][2]   -0.03297252 
_atom_sites.fract_transf_matrix[2][3]   -0.03081350 
_atom_sites.fract_transf_matrix[3][1]   0.02871599 
_atom_sites.fract_transf_matrix[3][2]   -0.00599607 
_atom_sites.fract_transf_matrix[3][3]   -0.02430209 
_atom_sites.fract_transf_vector[1]      -0.000418 
_atom_sites.fract_transf_vector[2]      -0.016903 
_atom_sites.fract_transf_vector[3]      -0.006634 
# 
loop_
_atom_type.symbol 
C  
MG 
N  
NA 
O  
P  
# 
loop_
_atom_site.group_PDB 
_atom_site.id 
_atom_site.type_symbol 
_atom_site.label_atom_id 
_atom_site.label_alt_id 
_atom_site.label_comp_id 
_atom_site.label_asym_id 
_atom_site.label_entity_id 
_atom_site.label_seq_id 
_atom_site.pdbx_PDB_ins_code 
_atom_site.Cartn_x 
_atom_site.Cartn_y 
_atom_site.Cartn_z 
_atom_site.occupancy 
_atom_site.B_iso_or_equiv 
_atom_site.pdbx_formal_charge 
_atom_site.auth_seq_id 
_atom_site.auth_comp_id 
_atom_site.auth_asym_id 
_atom_site.auth_atom_id 
_atom_site.pdbx_PDB_model_num 
ATOM   1   O  "O5'" . DC  A 1 1 ? 1.907   -5.377  -11.222 1.00 17.93 ? 1  DC  A "O5'" 1 
ATOM   2   C  "C5'" . DC  A 1 1 ? 2.758   -5.157  -10.150 1.00 17.39 ? 1  DC  A "C5'" 1 
ATOM   3   C  "C4'" . DC  A 1 1 ? 3.814   -6.248  -10.334 1.00 17.60 ? 1  DC  A "C4'" 1 
ATOM   4   O  "O4'" . DC  A 1 1 ? 4.938   -5.831  -11.171 1.00 16.87 ? 1  DC  A "O4'" 1 
ATOM   5   C  "C3'" . DC  A 1 1 ? 4.553   -6.548  -8.972  1.00 17.84 ? 1  DC  A "C3'" 1 
ATOM   6   O  "O3'" . DC  A 1 1 ? 5.027   -7.824  -9.070  1.00 19.54 ? 1  DC  A "O3'" 1 
ATOM   7   C  "C2'" . DC  A 1 1 ? 5.704   -5.549  -8.918  1.00 16.52 ? 1  DC  A "C2'" 1 
ATOM   8   C  "C1'" . DC  A 1 1 ? 5.968   -5.215  -10.423 1.00 14.53 ? 1  DC  A "C1'" 1 
ATOM   9   N  N1    . DC  A 1 1 ? 5.822   -3.760  -10.657 1.00 13.12 ? 1  DC  A N1    1 
ATOM   10  C  C2    . DC  A 1 1 ? 6.705   -2.931  -10.050 1.00 12.11 ? 1  DC  A C2    1 
ATOM   11  O  O2    . DC  A 1 1 ? 7.584   -3.348  -9.337  1.00 12.24 ? 1  DC  A O2    1 
ATOM   12  N  N3    . DC  A 1 1 ? 6.573   -1.618  -10.257 1.00 11.55 ? 1  DC  A N3    1 
ATOM   13  C  C4    . DC  A 1 1 ? 5.612   -1.005  -11.010 1.00 11.56 ? 1  DC  A C4    1 
ATOM   14  N  N4    . DC  A 1 1 ? 5.526   0.332   -11.128 1.00 10.93 ? 1  DC  A N4    1 
ATOM   15  C  C5    . DC  A 1 1 ? 4.645   -1.888  -11.571 1.00 12.76 ? 1  DC  A C5    1 
ATOM   16  C  C6    . DC  A 1 1 ? 4.799   -3.212  -11.417 1.00 12.65 ? 1  DC  A C6    1 
ATOM   17  P  P     . DG  A 1 2 ? 4.606   -9.026  -8.125  1.00 20.74 ? 2  DG  A P     1 
ATOM   18  O  OP1   . DG  A 1 2 ? 5.437   -10.142 -8.490  1.00 20.72 ? 2  DG  A OP1   1 
ATOM   19  O  OP2   . DG  A 1 2 ? 3.167   -9.090  -8.329  1.00 21.41 ? 2  DG  A OP2   1 
ATOM   20  O  "O5'" . DG  A 1 2 ? 4.453   -8.493  -6.577  1.00 19.36 ? 2  DG  A "O5'" 1 
ATOM   21  C  "C5'" . DG  A 1 2 ? 5.688   -8.104  -5.955  1.00 16.69 ? 2  DG  A "C5'" 1 
ATOM   22  C  "C4'" . DG  A 1 2 ? 5.134   -7.466  -4.738  1.00 15.10 ? 2  DG  A "C4'" 1 
ATOM   23  O  "O4'" . DG  A 1 2 ? 4.622   -6.245  -5.307  1.00 14.93 ? 2  DG  A "O4'" 1 
ATOM   24  C  "C3'" . DG  A 1 2 ? 3.879   -8.037  -4.059  1.00 15.74 ? 2  DG  A "C3'" 1 
ATOM   25  O  "O3'" . DG  A 1 2 ? 3.953   -8.052  -2.680  1.00 17.08 ? 2  DG  A "O3'" 1 
ATOM   26  C  "C2'" . DG  A 1 2 ? 2.720   -7.057  -4.362  1.00 14.39 ? 2  DG  A "C2'" 1 
ATOM   27  C  "C1'" . DG  A 1 2 ? 3.590   -5.772  -4.555  1.00 12.20 ? 2  DG  A "C1'" 1 
ATOM   28  N  N9    . DG  A 1 2 ? 2.743   -4.795  -5.197  1.00 11.39 ? 2  DG  A N9    1 
ATOM   29  C  C8    . DG  A 1 2 ? 1.774   -4.991  -6.105  1.00 10.40 ? 2  DG  A C8    1 
ATOM   30  N  N7    . DG  A 1 2 ? 1.182   -3.844  -6.384  1.00 10.24 ? 2  DG  A N7    1 
ATOM   31  C  C5    . DG  A 1 2 ? 1.838   -2.890  -5.684  1.00 9.69  ? 2  DG  A C5    1 
ATOM   32  C  C6    . DG  A 1 2 ? 1.721   -1.502  -5.552  1.00 9.50  ? 2  DG  A C6    1 
ATOM   33  O  O6    . DG  A 1 2 ? 0.870   -0.817  -6.188  1.00 10.69 ? 2  DG  A O6    1 
ATOM   34  N  N1    . DG  A 1 2 ? 2.545   -0.843  -4.739  1.00 8.38  ? 2  DG  A N1    1 
ATOM   35  C  C2    . DG  A 1 2 ? 3.464   -1.542  -4.075  1.00 8.45  ? 2  DG  A C2    1 
ATOM   36  N  N2    . DG  A 1 2 ? 4.238   -1.008  -3.279  1.00 8.34  ? 2  DG  A N2    1 
ATOM   37  N  N3    . DG  A 1 2 ? 3.655   -2.830  -4.105  1.00 8.34  ? 2  DG  A N3    1 
ATOM   38  C  C4    . DG  A 1 2 ? 2.840   -3.455  -4.919  1.00 9.30  ? 2  DG  A C4    1 
ATOM   39  P  P     . DT  A 1 3 ? 4.776   -9.027  -1.707  1.00 16.99 ? 3  DT  A P     1 
ATOM   40  O  OP1   . DT  A 1 3 ? 5.732   -9.669  -2.477  1.00 16.81 ? 3  DT  A OP1   1 
ATOM   41  O  OP2   . DT  A 1 3 ? 3.599   -9.588  -1.078  1.00 18.18 ? 3  DT  A OP2   1 
ATOM   42  O  "O5'" . DT  A 1 3 ? 5.691   -7.985  -0.850  1.00 17.02 ? 3  DT  A "O5'" 1 
ATOM   43  C  "C5'" . DT  A 1 3 ? 5.016   -7.258  0.088   1.00 14.75 ? 3  DT  A "C5'" 1 
ATOM   44  C  "C4'" . DT  A 1 3 ? 5.456   -5.844  0.198   1.00 13.97 ? 3  DT  A "C4'" 1 
ATOM   45  O  "O4'" . DT  A 1 3 ? 4.774   -4.973  -0.669  1.00 11.76 ? 3  DT  A "O4'" 1 
ATOM   46  C  "C3'" . DT  A 1 3 ? 5.160   -5.300  1.660   1.00 14.04 ? 3  DT  A "C3'" 1 
ATOM   47  O  "O3'" . DT  A 1 3 ? 6.501   -5.161  1.985   1.00 16.51 ? 3  DT  A "O3'" 1 
ATOM   48  C  "C2'" . DT  A 1 3 ? 4.358   -4.062  1.546   1.00 12.71 ? 3  DT  A "C2'" 1 
ATOM   49  C  "C1'" . DT  A 1 3 ? 4.358   -3.875  0.021   1.00 11.01 ? 3  DT  A "C1'" 1 
ATOM   50  N  N1    . DT  A 1 3 ? 3.013   -3.596  -0.659  1.00 10.39 ? 3  DT  A N1    1 
ATOM   51  C  C2    . DT  A 1 3 ? 2.736   -2.263  -0.739  1.00 8.41  ? 3  DT  A C2    1 
ATOM   52  O  O2    . DT  A 1 3 ? 3.472   -1.458  -0.220  1.00 8.99  ? 3  DT  A O2    1 
ATOM   53  N  N3    . DT  A 1 3 ? 1.597   -1.953  -1.400  1.00 8.98  ? 3  DT  A N3    1 
ATOM   54  C  C4    . DT  A 1 3 ? 0.737   -2.872  -1.959  1.00 9.20  ? 3  DT  A C4    1 
ATOM   55  O  O4    . DT  A 1 3 ? -0.276  -2.420  -2.534  1.00 9.50  ? 3  DT  A O4    1 
ATOM   56  C  C5    . DT  A 1 3 ? 1.059   -4.256  -1.864  1.00 9.49  ? 3  DT  A C5    1 
ATOM   57  C  C7    . DT  A 1 3 ? 0.191   -5.339  -2.441  1.00 9.22  ? 3  DT  A C7    1 
ATOM   58  C  C6    . DT  A 1 3 ? 2.215   -4.582  -1.232  1.00 9.47  ? 3  DT  A C6    1 
ATOM   59  P  P     . DA  A 1 4 ? 6.791   -5.246  3.590   1.00 17.75 ? 4  DA  A P     1 
ATOM   60  O  OP1   . DA  A 1 4 ? 8.165   -4.788  3.467   1.00 17.43 ? 4  DA  A OP1   1 
ATOM   61  O  OP2   . DA  A 1 4 ? 6.535   -6.585  4.056   1.00 15.36 ? 4  DA  A OP2   1 
ATOM   62  O  "O5'" . DA  A 1 4 ? 6.000   -3.933  4.063   1.00 15.44 ? 4  DA  A "O5'" 1 
ATOM   63  C  "C5'" . DA  A 1 4 ? 6.137   -3.132  5.072   1.00 12.70 ? 4  DA  A "C5'" 1 
ATOM   64  C  "C4'" . DA  A 1 4 ? 5.388   -1.906  5.227   1.00 10.03 ? 4  DA  A "C4'" 1 
ATOM   65  O  "O4'" . DA  A 1 4 ? 4.371   -1.903  4.225   1.00 8.88  ? 4  DA  A "O4'" 1 
ATOM   66  C  "C3'" . DA  A 1 4 ? 4.649   -1.934  6.599   1.00 10.55 ? 4  DA  A "C3'" 1 
ATOM   67  O  "O3'" . DA  A 1 4 ? 4.887   -0.673  7.123   1.00 11.62 ? 4  DA  A "O3'" 1 
ATOM   68  C  "C2'" . DA  A 1 4 ? 3.282   -2.367  6.178   1.00 9.45  ? 4  DA  A "C2'" 1 
ATOM   69  C  "C1'" . DA  A 1 4 ? 3.093   -1.543  4.825   1.00 8.53  ? 4  DA  A "C1'" 1 
ATOM   70  N  N9    . DA  A 1 4 ? 2.149   -2.136  3.953   1.00 7.76  ? 4  DA  A N9    1 
ATOM   71  C  C8    . DA  A 1 4 ? 2.016   -3.452  3.670   1.00 7.18  ? 4  DA  A C8    1 
ATOM   72  N  N7    . DA  A 1 4 ? 1.070   -3.705  2.755   1.00 7.13  ? 4  DA  A N7    1 
ATOM   73  C  C5    . DA  A 1 4 ? 0.649   -2.434  2.427   1.00 7.03  ? 4  DA  A C5    1 
ATOM   74  C  C6    . DA  A 1 4 ? -0.359  -1.984  1.469   1.00 6.80  ? 4  DA  A C6    1 
ATOM   75  N  N6    . DA  A 1 4 ? -1.118  -2.863  0.743   1.00 6.09  ? 4  DA  A N6    1 
ATOM   76  N  N1    . DA  A 1 4 ? -0.509  -0.667  1.402   1.00 6.51  ? 4  DA  A N1    1 
ATOM   77  C  C2    . DA  A 1 4 ? 0.116   0.241   2.141   1.00 6.41  ? 4  DA  A C2    1 
ATOM   78  N  N3    . DA  A 1 4 ? 1.068   -0.097  3.049   1.00 7.73  ? 4  DA  A N3    1 
ATOM   79  C  C4    . DA  A 1 4 ? 1.254   -1.439  3.134   1.00 6.81  ? 4  DA  A C4    1 
ATOM   80  P  P     . DC  A 1 5 ? 4.336   -0.154  8.506   1.00 12.85 ? 5  DC  A P     1 
ATOM   81  O  OP1   . DC  A 1 5 ? 5.066   1.011   8.752   1.00 13.23 ? 5  DC  A OP1   1 
ATOM   82  O  OP2   . DC  A 1 5 ? 4.515   -1.342  9.378   1.00 13.32 ? 5  DC  A OP2   1 
ATOM   83  O  "O5'" . DC  A 1 5 ? 2.837   0.421   8.297   1.00 11.16 ? 5  DC  A "O5'" 1 
ATOM   84  C  "C5'" . DC  A 1 5 ? 2.427   1.714   8.099   1.00 10.84 ? 5  DC  A "C5'" 1 
ATOM   85  C  "C4'" . DC  A 1 5 ? 0.902   1.737   7.833   1.00 10.58 ? 5  DC  A "C4'" 1 
ATOM   86  O  "O4'" . DC  A 1 5 ? 0.656   0.811   6.751   1.00 8.96  ? 5  DC  A "O4'" 1 
ATOM   87  C  "C3'" . DC  A 1 5 ? 0.130   1.142   9.098   1.00 11.51 ? 5  DC  A "C3'" 1 
ATOM   88  O  "O3'" . DC  A 1 5 ? -0.728  2.115   9.482   1.00 14.03 ? 5  DC  A "O3'" 1 
ATOM   89  C  "C2'" . DC  A 1 5 ? -0.481  -0.124  8.629   1.00 9.91  ? 5  DC  A "C2'" 1 
ATOM   90  C  "C1'" . DC  A 1 5 ? -0.619  0.276   7.065   1.00 7.85  ? 5  DC  A "C1'" 1 
ATOM   91  N  N1    . DC  A 1 5 ? -0.959  -0.905  6.283   1.00 6.37  ? 5  DC  A N1    1 
ATOM   92  C  C2    . DC  A 1 5 ? -1.832  -0.722  5.227   1.00 5.33  ? 5  DC  A C2    1 
ATOM   93  O  O2    . DC  A 1 5 ? -2.158  0.423   4.998   1.00 5.54  ? 5  DC  A O2    1 
ATOM   94  N  N3    . DC  A 1 5 ? -2.238  -1.810  4.551   1.00 5.17  ? 5  DC  A N3    1 
ATOM   95  C  C4    . DC  A 1 5 ? -1.832  -3.105  4.769   1.00 4.74  ? 5  DC  A C4    1 
ATOM   96  N  N4    . DC  A 1 5 ? -2.203  -4.172  3.993   1.00 4.17  ? 5  DC  A N4    1 
ATOM   97  C  C5    . DC  A 1 5 ? -0.904  -3.253  5.860   1.00 5.38  ? 5  DC  A C5    1 
ATOM   98  C  C6    . DC  A 1 5 ? -0.543  -2.197  6.545   1.00 5.03  ? 5  DC  A C6    1 
ATOM   99  P  P     . DG  A 1 6 ? -0.829  3.066   10.736  1.00 15.85 ? 6  DG  A P     1 
ATOM   100 O  OP1   . DG  A 1 6 ? 0.399   3.760   10.705  1.00 15.92 ? 6  DG  A OP1   1 
ATOM   101 O  OP2   . DG  A 1 6 ? -1.079  2.119   11.902  1.00 16.36 ? 6  DG  A OP2   1 
ATOM   102 O  "O5'" . DG  A 1 6 ? -1.877  4.235   10.564  1.00 14.54 ? 6  DG  A "O5'" 1 
ATOM   103 C  "C5'" . DG  A 1 6 ? -2.225  4.930   9.405   1.00 13.05 ? 6  DG  A "C5'" 1 
ATOM   104 C  "C4'" . DG  A 1 6 ? -3.629  5.482   9.495   1.00 11.46 ? 6  DG  A "C4'" 1 
ATOM   105 O  "O4'" . DG  A 1 6 ? -4.577  4.464   9.176   1.00 11.22 ? 6  DG  A "O4'" 1 
ATOM   106 C  "C3'" . DG  A 1 6 ? -4.084  6.083   10.842  1.00 11.58 ? 6  DG  A "C3'" 1 
ATOM   107 O  "O3'" . DG  A 1 6 ? -4.846  7.182   10.583  1.00 12.30 ? 6  DG  A "O3'" 1 
ATOM   108 C  "C2'" . DG  A 1 6 ? -4.822  4.930   11.468  1.00 10.77 ? 6  DG  A "C2'" 1 
ATOM   109 C  "C1'" . DG  A 1 6 ? -5.480  4.169   10.331  1.00 9.54  ? 6  DG  A "C1'" 1 
ATOM   110 N  N9    . DG  A 1 6 ? -5.573  2.735   10.286  1.00 8.15  ? 6  DG  A N9    1 
ATOM   111 C  C8    . DG  A 1 6 ? -4.818  1.824   10.868  1.00 7.69  ? 6  DG  A C8    1 
ATOM   112 N  N7    . DG  A 1 6 ? -5.104  0.603   10.550  1.00 7.70  ? 6  DG  A N7    1 
ATOM   113 C  C5    . DG  A 1 6 ? -6.207  0.710   9.785   1.00 7.67  ? 6  DG  A C5    1 
ATOM   114 C  C6    . DG  A 1 6 ? -7.015  -0.281  9.157   1.00 7.10  ? 6  DG  A C6    1 
ATOM   115 O  O6    . DG  A 1 6 ? -6.807  -1.501  9.290   1.00 8.05  ? 6  DG  A O6    1 
ATOM   116 N  N1    . DG  A 1 6 ? -7.997  0.139   8.335   1.00 7.63  ? 6  DG  A N1    1 
ATOM   117 C  C2    . DG  A 1 6 ? -8.162  1.453   8.215   1.00 6.94  ? 6  DG  A C2    1 
ATOM   118 N  N2    . DG  A 1 6 ? -9.058  1.987   7.554   1.00 7.60  ? 6  DG  A N2    1 
ATOM   119 N  N3    . DG  A 1 6 ? -7.532  2.499   8.792   1.00 8.41  ? 6  DG  A N3    1 
ATOM   120 C  C4    . DG  A 1 6 ? -6.506  1.999   9.562   1.00 7.79  ? 6  DG  A C4    1 
ATOM   121 O  "O5'" . DC  B 1 1 ? -9.981  -3.659  1.759   1.00 15.01 ? 7  DC  B "O5'" 1 
ATOM   122 C  "C5'" . DC  B 1 1 ? -11.169 -4.267  2.264   1.00 14.19 ? 7  DC  B "C5'" 1 
ATOM   123 C  "C4'" . DC  B 1 1 ? -12.031 -3.025  2.170   1.00 13.41 ? 7  DC  B "C4'" 1 
ATOM   124 O  "O4'" . DC  B 1 1 ? -12.480 -2.725  3.503   1.00 12.86 ? 7  DC  B "O4'" 1 
ATOM   125 C  "C3'" . DC  B 1 1 ? -11.492 -1.585  1.708   1.00 12.51 ? 7  DC  B "C3'" 1 
ATOM   126 O  "O3'" . DC  B 1 1 ? -12.568 -0.830  1.192   1.00 13.09 ? 7  DC  B "O3'" 1 
ATOM   127 C  "C2'" . DC  B 1 1 ? -10.920 -1.027  2.964   1.00 11.52 ? 7  DC  B "C2'" 1 
ATOM   128 C  "C1'" . DC  B 1 1 ? -11.857 -1.589  4.098   1.00 10.47 ? 7  DC  B "C1'" 1 
ATOM   129 N  N1    . DC  B 1 1 ? -10.967 -2.215  5.144   1.00 8.90  ? 7  DC  B N1    1 
ATOM   130 C  C2    . DC  B 1 1 ? -10.357 -1.314  5.954   1.00 8.48  ? 7  DC  B C2    1 
ATOM   131 O  O2    . DC  B 1 1 ? -10.550 -0.119  5.986   1.00 8.16  ? 7  DC  B O2    1 
ATOM   132 N  N3    . DC  B 1 1 ? -9.484  -1.803  6.902   1.00 8.33  ? 7  DC  B N3    1 
ATOM   133 C  C4    . DC  B 1 1 ? -9.218  -3.154  7.020   1.00 8.11  ? 7  DC  B C4    1 
ATOM   134 N  N4    . DC  B 1 1 ? -8.304  -3.491  7.986   1.00 9.72  ? 7  DC  B N4    1 
ATOM   135 C  C5    . DC  B 1 1 ? -9.801  -4.056  6.127   1.00 8.80  ? 7  DC  B C5    1 
ATOM   136 C  C6    . DC  B 1 1 ? -10.679 -3.553  5.223   1.00 8.41  ? 7  DC  B C6    1 
ATOM   137 P  P     . DG  B 1 2 ? -12.790 -0.386  -0.355  1.00 13.44 ? 8  DG  B P     1 
ATOM   138 O  OP1   . DG  B 1 2 ? -13.861 0.585   -0.433  1.00 14.28 ? 8  DG  B OP1   1 
ATOM   139 O  OP2   . DG  B 1 2 ? -12.531 -1.558  -1.038  1.00 12.90 ? 8  DG  B OP2   1 
ATOM   140 O  "O5'" . DG  B 1 2 ? -11.357 0.398   -0.724  1.00 13.39 ? 8  DG  B "O5'" 1 
ATOM   141 C  "C5'" . DG  B 1 2 ? -11.202 1.618   0.063   1.00 11.59 ? 8  DG  B "C5'" 1 
ATOM   142 C  "C4'" . DG  B 1 2 ? -9.815  2.076   -0.315  1.00 11.84 ? 8  DG  B "C4'" 1 
ATOM   143 O  "O4'" . DG  B 1 2 ? -8.923  1.372   0.484   1.00 10.82 ? 8  DG  B "O4'" 1 
ATOM   144 C  "C3'" . DG  B 1 2 ? -9.322  1.745   -1.770  1.00 12.41 ? 8  DG  B "C3'" 1 
ATOM   145 O  "O3'" . DG  B 1 2 ? -8.545  2.818   -2.132  1.00 15.69 ? 8  DG  B "O3'" 1 
ATOM   146 C  "C2'" . DG  B 1 2 ? -8.550  0.455   -1.664  1.00 11.44 ? 8  DG  B "C2'" 1 
ATOM   147 C  "C1'" . DG  B 1 2 ? -7.962  0.692   -0.193  1.00 9.98  ? 8  DG  B "C1'" 1 
ATOM   148 N  N9    . DG  B 1 2 ? -7.403  -0.541  0.219   1.00 8.89  ? 8  DG  B N9    1 
ATOM   149 C  C8    . DG  B 1 2 ? -7.643  -1.770  -0.054  1.00 7.81  ? 8  DG  B C8    1 
ATOM   150 N  N7    . DG  B 1 2 ? -6.783  -2.602  0.499   1.00 7.72  ? 8  DG  B N7    1 
ATOM   151 C  C5    . DG  B 1 2 ? -5.943  -1.842  1.187   1.00 7.65  ? 8  DG  B C5    1 
ATOM   152 C  C6    . DG  B 1 2 ? -4.787  -2.132  2.016   1.00 7.16  ? 8  DG  B C6    1 
ATOM   153 O  O6    . DG  B 1 2 ? -4.369  -3.304  2.214   1.00 7.71  ? 8  DG  B O6    1 
ATOM   154 N  N1    . DG  B 1 2 ? -4.181  -1.165  2.592   1.00 7.08  ? 8  DG  B N1    1 
ATOM   155 C  C2    . DG  B 1 2 ? -4.556  0.113   2.401   1.00 6.68  ? 8  DG  B C2    1 
ATOM   156 N  N2    . DG  B 1 2 ? -4.056  1.097   2.925   1.00 6.12  ? 8  DG  B N2    1 
ATOM   157 N  N3    . DG  B 1 2 ? -5.610  0.545   1.642   1.00 8.16  ? 8  DG  B N3    1 
ATOM   158 C  C4    . DG  B 1 2 ? -6.232  -0.527  1.047   1.00 8.07  ? 8  DG  B C4    1 
ATOM   159 P  P     . DT  B 1 3 ? -8.621  4.298   -2.741  1.00 17.11 ? 9  DT  B P     1 
ATOM   160 O  OP1   . DT  B 1 3 ? -9.946  4.718   -2.597  1.00 17.51 ? 9  DT  B OP1   1 
ATOM   161 O  OP2   . DT  B 1 3 ? -7.972  3.870   -3.975  1.00 18.11 ? 9  DT  B OP2   1 
ATOM   162 O  "O5'" . DT  B 1 3 ? -8.018  5.483   -1.800  1.00 16.43 ? 9  DT  B "O5'" 1 
ATOM   163 C  "C5'" . DT  B 1 3 ? -6.688  5.365   -2.006  1.00 14.93 ? 9  DT  B "C5'" 1 
ATOM   164 C  "C4'" . DT  B 1 3 ? -5.809  5.295   -0.714  1.00 14.29 ? 9  DT  B "C4'" 1 
ATOM   165 O  "O4'" . DT  B 1 3 ? -5.420  4.019   -0.315  1.00 12.80 ? 9  DT  B "O4'" 1 
ATOM   166 C  "C3'" . DT  B 1 3 ? -4.503  5.987   -1.265  1.00 13.97 ? 9  DT  B "C3'" 1 
ATOM   167 O  "O3'" . DT  B 1 3 ? -4.690  7.159   -0.646  1.00 15.76 ? 9  DT  B "O3'" 1 
ATOM   168 C  "C2'" . DT  B 1 3 ? -3.346  5.134   -0.856  1.00 13.05 ? 9  DT  B "C2'" 1 
ATOM   169 C  "C1'" . DT  B 1 3 ? -4.000  3.959   -0.134  1.00 11.04 ? 9  DT  B "C1'" 1 
ATOM   170 N  N1    . DT  B 1 3 ? -3.777  2.549   -0.541  1.00 9.36  ? 9  DT  B N1    1 
ATOM   171 C  C2    . DT  B 1 3 ? -2.740  1.973   0.183   1.00 8.98  ? 9  DT  B C2    1 
ATOM   172 O  O2    . DT  B 1 3 ? -2.067  2.560   0.988   1.00 8.62  ? 9  DT  B O2    1 
ATOM   173 N  N3    . DT  B 1 3 ? -2.514  0.676   -0.080  1.00 9.55  ? 9  DT  B N3    1 
ATOM   174 C  C4    . DT  B 1 3 ? -3.221  -0.088  -0.993  1.00 8.82  ? 9  DT  B C4    1 
ATOM   175 O  O4    . DT  B 1 3 ? -2.924  -1.286  -1.100  1.00 9.29  ? 9  DT  B O4    1 
ATOM   176 C  C5    . DT  B 1 3 ? -4.261  0.588   -1.733  1.00 9.37  ? 9  DT  B C5    1 
ATOM   177 C  C7    . DT  B 1 3 ? -5.087  -0.211  -2.720  1.00 9.60  ? 9  DT  B C7    1 
ATOM   178 C  C6    . DT  B 1 3 ? -4.489  1.846   -1.457  1.00 9.04  ? 9  DT  B C6    1 
ATOM   179 P  P     . DA  B 1 4 ? -3.514  8.163   -0.915  1.00 19.61 ? 10 DA  B P     1 
ATOM   180 O  OP1   . DA  B 1 4 ? -3.609  9.037   0.204   1.00 17.79 ? 10 DA  B OP1   1 
ATOM   181 O  OP2   . DA  B 1 4 ? -3.871  8.859   -2.262  1.00 16.70 ? 10 DA  B OP2   1 
ATOM   182 O  "O5'" . DA  B 1 4 ? -2.030  7.539   -1.007  1.00 16.55 ? 10 DA  B "O5'" 1 
ATOM   183 C  "C5'" . DA  B 1 4 ? -1.186  8.410   -0.331  1.00 13.45 ? 10 DA  B "C5'" 1 
ATOM   184 C  "C4'" . DA  B 1 4 ? 0.138   7.702   -0.137  1.00 10.93 ? 10 DA  B "C4'" 1 
ATOM   185 O  "O4'" . DA  B 1 4 ? 0.060   6.345   -0.317  1.00 8.76  ? 10 DA  B "O4'" 1 
ATOM   186 C  "C3'" . DA  B 1 4 ? 1.218   8.141   -1.233  1.00 11.19 ? 10 DA  B "C3'" 1 
ATOM   187 O  "O3'" . DA  B 1 4 ? 2.303   8.314   -0.425  1.00 12.78 ? 10 DA  B "O3'" 1 
ATOM   188 C  "C2'" . DA  B 1 4 ? 1.441   6.995   -2.168  1.00 9.03  ? 10 DA  B "C2'" 1 
ATOM   189 C  "C1'" . DA  B 1 4 ? 1.049   5.787   -1.227  1.00 7.64  ? 10 DA  B "C1'" 1 
ATOM   190 N  N9    . DA  B 1 4 ? 0.442   4.721   -1.873  1.00 6.87  ? 10 DA  B N9    1 
ATOM   191 C  C8    . DA  B 1 4 ? -0.513  4.758   -2.831  1.00 7.18  ? 10 DA  B C8    1 
ATOM   192 N  N7    . DA  B 1 4 ? -0.897  3.575   -3.234  1.00 6.47  ? 10 DA  B N7    1 
ATOM   193 C  C5    . DA  B 1 4 ? -0.108  2.709   -2.522  1.00 6.92  ? 10 DA  B C5    1 
ATOM   194 C  C6    . DA  B 1 4 ? -0.103  1.272   -2.428  1.00 6.60  ? 10 DA  B C6    1 
ATOM   195 N  N6    . DA  B 1 4 ? -0.793  0.424   -3.227  1.00 6.05  ? 10 DA  B N6    1 
ATOM   196 N  N1    . DA  B 1 4 ? 0.755   0.695   -1.538  1.00 6.62  ? 10 DA  B N1    1 
ATOM   197 C  C2    . DA  B 1 4 ? 1.484   1.517   -0.803  1.00 5.95  ? 10 DA  B C2    1 
ATOM   198 N  N3    . DA  B 1 4 ? 1.577   2.841   -0.774  1.00 7.12  ? 10 DA  B N3    1 
ATOM   199 C  C4    . DA  B 1 4 ? 0.657   3.394   -1.641  1.00 6.44  ? 10 DA  B C4    1 
ATOM   200 P  P     . DC  B 1 5 ? 3.750   8.667   -1.023  1.00 14.06 ? 11 DC  B P     1 
ATOM   201 O  OP1   . DC  B 1 5 ? 4.470   9.011   0.180   1.00 14.17 ? 11 DC  B OP1   1 
ATOM   202 O  OP2   . DC  B 1 5 ? 3.358   9.812   -1.862  1.00 12.81 ? 11 DC  B OP2   1 
ATOM   203 O  "O5'" . DC  B 1 5 ? 4.555   7.380   -1.400  1.00 12.40 ? 11 DC  B "O5'" 1 
ATOM   204 C  "C5'" . DC  B 1 5 ? 5.258   6.547   -0.599  1.00 11.84 ? 11 DC  B "C5'" 1 
ATOM   205 C  "C4'" . DC  B 1 5 ? 5.887   5.513   -1.456  1.00 11.28 ? 11 DC  B "C4'" 1 
ATOM   206 O  "O4'" . DC  B 1 5 ? 4.695   4.854   -1.909  1.00 9.47  ? 11 DC  B "O4'" 1 
ATOM   207 C  "C3'" . DC  B 1 5 ? 6.594   5.940   -2.753  1.00 12.28 ? 11 DC  B "C3'" 1 
ATOM   208 O  "O3'" . DC  B 1 5 ? 7.755   5.221   -3.001  1.00 15.06 ? 11 DC  B "O3'" 1 
ATOM   209 C  "C2'" . DC  B 1 5 ? 5.572   5.655   -3.841  1.00 10.13 ? 11 DC  B "C2'" 1 
ATOM   210 C  "C1'" . DC  B 1 5 ? 4.968   4.351   -3.155  1.00 9.13  ? 11 DC  B "C1'" 1 
ATOM   211 N  N1    . DC  B 1 5 ? 3.771   3.879   -3.894  1.00 8.58  ? 11 DC  B N1    1 
ATOM   212 C  C2    . DC  B 1 5 ? 3.585   2.516   -3.847  1.00 8.40  ? 11 DC  B C2    1 
ATOM   213 O  O2    . DC  B 1 5 ? 4.344   1.773   -3.264  1.00 8.91  ? 11 DC  B O2    1 
ATOM   214 N  N3    . DC  B 1 5 ? 2.575   2.007   -4.612  1.00 7.47  ? 11 DC  B N3    1 
ATOM   215 C  C4    . DC  B 1 5 ? 1.655   2.795   -5.326  1.00 7.44  ? 11 DC  B C4    1 
ATOM   216 N  N4    . DC  B 1 5 ? 0.641   2.141   -5.982  1.00 6.95  ? 11 DC  B N4    1 
ATOM   217 C  C5    . DC  B 1 5 ? 1.876   4.150   -5.300  1.00 7.99  ? 11 DC  B C5    1 
ATOM   218 C  C6    . DC  B 1 5 ? 2.885   4.658   -4.608  1.00 8.35  ? 11 DC  B C6    1 
ATOM   219 P  P     . DG  B 1 6 ? 9.247   5.813   -2.925  1.00 16.84 ? 12 DG  B P     1 
ATOM   220 O  OP1   . DG  B 1 6 ? 9.304   6.219   -1.577  1.00 17.39 ? 12 DG  B OP1   1 
ATOM   221 O  OP2   . DG  B 1 6 ? 9.200   6.869   -3.973  1.00 17.63 ? 12 DG  B OP2   1 
ATOM   222 O  "O5'" . DG  B 1 6 ? 10.438  4.773   -2.865  1.00 16.38 ? 12 DG  B "O5'" 1 
ATOM   223 C  "C5'" . DG  B 1 6 ? 10.117  3.451   -2.920  1.00 15.78 ? 12 DG  B "C5'" 1 
ATOM   224 C  "C4'" . DG  B 1 6 ? 11.248  2.568   -3.018  1.00 15.06 ? 12 DG  B "C4'" 1 
ATOM   225 O  "O4'" . DG  B 1 6 ? 11.024  1.626   -4.081  1.00 14.46 ? 12 DG  B "O4'" 1 
ATOM   226 C  "C3'" . DG  B 1 6 ? 12.685  3.129   -3.435  1.00 15.51 ? 12 DG  B "C3'" 1 
ATOM   227 O  "O3'" . DG  B 1 6 ? 13.546  2.082   -3.042  1.00 16.41 ? 12 DG  B "O3'" 1 
ATOM   228 C  "C2'" . DG  B 1 6 ? 12.246  3.497   -4.867  1.00 14.57 ? 12 DG  B "C2'" 1 
ATOM   229 C  "C1'" . DG  B 1 6 ? 11.563  2.186   -5.322  1.00 12.45 ? 12 DG  B "C1'" 1 
ATOM   230 N  N9    . DG  B 1 6 ? 10.509  2.380   -6.263  1.00 10.55 ? 12 DG  B N9    1 
ATOM   231 C  C8    . DG  B 1 6 ? 9.923   3.528   -6.589  1.00 9.94  ? 12 DG  B C8    1 
ATOM   232 N  N7    . DG  B 1 6 ? 8.992   3.387   -7.505  1.00 10.10 ? 12 DG  B N7    1 
ATOM   233 C  C5    . DG  B 1 6 ? 8.978   2.056   -7.737  1.00 9.64  ? 12 DG  B C5    1 
ATOM   234 C  C6    . DG  B 1 6 ? 8.170   1.225   -8.583  1.00 9.57  ? 12 DG  B C6    1 
ATOM   235 O  O6    . DG  B 1 6 ? 7.246   1.708   -9.302  1.00 9.93  ? 12 DG  B O6    1 
ATOM   236 N  N1    . DG  B 1 6 ? 8.365   -0.069  -8.567  1.00 9.43  ? 12 DG  B N1    1 
ATOM   237 C  C2    . DG  B 1 6 ? 9.300   -0.631  -7.808  1.00 9.67  ? 12 DG  B C2    1 
ATOM   238 N  N2    . DG  B 1 6 ? 9.482   -1.863  -7.824  1.00 8.83  ? 12 DG  B N2    1 
ATOM   239 N  N3    . DG  B 1 6 ? 10.113  0.043   -6.985  1.00 10.37 ? 12 DG  B N3    1 
ATOM   240 C  C4    . DG  B 1 6 ? 9.890   1.368   -6.970  1.00 9.81  ? 12 DG  B C4    1 
HETATM 241 C  C1    . DMM C 2 . ? 2.541   1.599   -9.280  1.00 6.90  ? 13 DMM A C1    1 
HETATM 242 C  C2    . DMM C 2 . ? 2.145   2.888   -9.593  1.00 5.62  ? 13 DMM A C2    1 
HETATM 243 C  C3    . DMM C 2 . ? 2.776   3.963   -8.980  1.00 6.21  ? 13 DMM A C3    1 
HETATM 244 C  C4    . DMM C 2 . ? 3.835   3.741   -8.032  1.00 6.88  ? 13 DMM A C4    1 
HETATM 245 O  O4    . DMM C 2 . ? 4.397   4.865   -7.512  1.00 6.82  ? 13 DMM A O4    1 
HETATM 246 C  C5    . DMM C 2 . ? 4.228   2.445   -7.682  1.00 7.48  ? 13 DMM A C5    1 
HETATM 247 C  C6    . DMM C 2 . ? 5.236   2.125   -6.767  1.00 8.24  ? 13 DMM A C6    1 
HETATM 248 O  O6    . DMM C 2 . ? 5.958   3.084   -6.089  1.00 10.00 ? 13 DMM A O6    1 
HETATM 249 C  C7    . DMM C 2 . ? 5.520   0.811   -6.524  1.00 8.54  ? 13 DMM A C7    1 
HETATM 250 C  C8    . DMM C 2 . ? 6.574   0.444   -5.613  1.00 9.23  ? 13 DMM A C8    1 
HETATM 251 O  O8    . DMM C 2 . ? 7.233   1.462   -4.954  1.00 9.24  ? 13 DMM A O8    1 
HETATM 252 C  C9    . DMM C 2 . ? 6.839   -0.917  -5.413  1.00 9.32  ? 13 DMM A C9    1 
HETATM 253 C  C10   . DMM C 2 . ? 7.917   -1.194  -4.378  1.00 10.16 ? 13 DMM A C10   1 
HETATM 254 O  O10   . DMM C 2 . ? 7.437   -0.553  -3.180  1.00 10.85 ? 13 DMM A O10   1 
HETATM 255 C  C11   . DMM C 2 . ? 8.324   -2.618  -4.377  1.00 11.15 ? 13 DMM A C11   1 
HETATM 256 C  C12   . DMM C 2 . ? 7.195   -3.621  -4.496  1.00 11.65 ? 13 DMM A C12   1 
HETATM 257 O  O12   . DMM C 2 . ? 6.264   -3.505  -3.358  1.00 10.62 ? 13 DMM A O12   1 
HETATM 258 C  C13   . DMM C 2 . ? 7.795   -5.028  -4.511  1.00 12.49 ? 13 DMM A C13   1 
HETATM 259 O  O13   . DMM C 2 . ? 8.366   -5.641  -5.583  1.00 13.58 ? 13 DMM A O13   1 
HETATM 260 C  C14   . DMM C 2 . ? 7.646   -5.640  -3.126  1.00 14.12 ? 13 DMM A C14   1 
HETATM 261 O  O14   . DMM C 2 . ? 8.373   -6.805  -2.895  1.00 15.32 ? 13 DMM A O14   1 
HETATM 262 C  C15   . DMM C 2 . ? 6.407   -3.415  -5.847  1.00 10.25 ? 13 DMM A C15   1 
HETATM 263 C  C16   . DMM C 2 . ? 6.160   -1.936  -6.052  1.00 9.67  ? 13 DMM A C16   1 
HETATM 264 C  C17   . DMM C 2 . ? 5.180   -1.559  -6.960  1.00 9.35  ? 13 DMM A C17   1 
HETATM 265 O  O17   . DMM C 2 . ? 4.468   -2.575  -7.604  1.00 10.77 ? 13 DMM A O17   1 
HETATM 266 C  C18   . DMM C 2 . ? 4.857   -0.200  -7.172  1.00 8.59  ? 13 DMM A C18   1 
HETATM 267 C  C19   . DMM C 2 . ? 3.847   0.053   -8.114  1.00 8.23  ? 13 DMM A C19   1 
HETATM 268 O  O19   . DMM C 2 . ? 3.180   -0.930  -8.712  1.00 8.74  ? 13 DMM A O19   1 
HETATM 269 C  C20   . DMM C 2 . ? 3.561   1.398   -8.315  1.00 7.77  ? 13 DMM A C20   1 
HETATM 270 C  C21   . DMM C 2 . ? 4.087   6.110   -7.418  1.00 6.61  ? 13 DMM A C21   1 
HETATM 271 C  "C1'" . DMM C 2 . ? 8.190   0.005   -2.160  1.00 10.74 ? 13 DMM A "C1'" 1 
HETATM 272 C  "C2'" . DMM C 2 . ? 7.393   0.989   -1.354  1.00 10.60 ? 13 DMM A "C2'" 1 
HETATM 273 C  "C3'" . DMM C 2 . ? 6.629   0.064   -0.344  1.00 11.10 ? 13 DMM A "C3'" 1 
HETATM 274 C  "C4'" . DMM C 2 . ? 7.624   -1.004  0.339   1.00 10.88 ? 13 DMM A "C4'" 1 
HETATM 275 O  "O4'" . DMM C 2 . ? 8.527   -0.191  1.124   1.00 12.01 ? 13 DMM A "O4'" 1 
HETATM 276 C  "C5'" . DMM C 2 . ? 8.361   -1.902  -0.624  1.00 11.63 ? 13 DMM A "C5'" 1 
HETATM 277 O  "O5'" . DMM C 2 . ? 9.040   -0.958  -1.584  1.00 11.36 ? 13 DMM A "O5'" 1 
HETATM 278 C  "C6'" . DMM C 2 . ? 9.494   -2.748  -0.170  1.00 11.41 ? 13 DMM A "C6'" 1 
HETATM 279 N  "N3'" . DMM C 2 . ? 5.844   0.915   0.467   1.00 12.29 ? 13 DMM A "N3'" 1 
HETATM 280 C  C33   . DMM C 2 . ? 6.143   0.884   1.907   1.00 13.16 ? 13 DMM A C33   1 
HETATM 281 C  C23   . DMM C 2 . ? 5.026   1.232   2.893   1.00 12.72 ? 13 DMM A C23   1 
HETATM 282 O  O16   . DMM C 2 . ? 3.860   1.918   2.283   1.00 13.51 ? 13 DMM A O16   1 
HETATM 283 C  C63   . DMM C 2 . ? 4.387   2.943   1.203   1.00 13.69 ? 13 DMM A C63   1 
HETATM 284 C  C53   . DMM C 2 . ? 5.003   2.076   0.093   1.00 11.86 ? 13 DMM A C53   1 
HETATM 285 O  O23   . DMM C 2 . ? 5.670   2.115   3.860   1.00 12.34 ? 13 DMM A O23   1 
HETATM 286 C  C73   . DMM C 2 . ? 4.667   2.953   4.471   1.00 11.85 ? 13 DMM A C73   1 
HETATM 287 C  C1    . DMM D 2 . ? -5.323  -4.982  6.009   1.00 7.91  ? 14 DMM A C1    1 
HETATM 288 C  C2    . DMM D 2 . ? -4.446  -5.766  6.770   1.00 8.21  ? 14 DMM A C2    1 
HETATM 289 C  C3    . DMM D 2 . ? -3.582  -5.141  7.645   1.00 8.87  ? 14 DMM A C3    1 
HETATM 290 C  C4    . DMM D 2 . ? -3.627  -3.755  7.763   1.00 8.09  ? 14 DMM A C4    1 
HETATM 291 O  O4    . DMM D 2 . ? -2.732  -3.253  8.683   1.00 9.44  ? 14 DMM A O4    1 
HETATM 292 C  C5    . DMM D 2 . ? -4.492  -2.974  6.994   1.00 8.38  ? 14 DMM A C5    1 
HETATM 293 C  C6    . DMM D 2 . ? -4.517  -1.592  7.020   1.00 8.37  ? 14 DMM A C6    1 
HETATM 294 O  O6    . DMM D 2 . ? -3.694  -0.979  7.948   1.00 10.91 ? 14 DMM A O6    1 
HETATM 295 C  C7    . DMM D 2 . ? -5.364  -0.793  6.223   1.00 8.03  ? 14 DMM A C7    1 
HETATM 296 C  C8    . DMM D 2 . ? -5.376  0.598   6.279   1.00 7.73  ? 14 DMM A C8    1 
HETATM 297 O  O8    . DMM D 2 . ? -4.568  1.381   7.121   1.00 9.11  ? 14 DMM A O8    1 
HETATM 298 C  C9    . DMM D 2 . ? -6.255  1.348   5.461   1.00 7.19  ? 14 DMM A C9    1 
HETATM 299 C  C10   . DMM D 2 . ? -6.248  2.812   5.614   1.00 7.23  ? 14 DMM A C10   1 
HETATM 300 O  O10   . DMM D 2 . ? -4.957  3.253   5.249   1.00 8.89  ? 14 DMM A O10   1 
HETATM 301 C  C11   . DMM D 2 . ? -7.405  3.586   4.954   1.00 7.69  ? 14 DMM A C11   1 
HETATM 302 C  C12   . DMM D 2 . ? -7.653  2.952   3.520   1.00 7.52  ? 14 DMM A C12   1 
HETATM 303 O  O12   . DMM D 2 . ? -6.522  2.854   2.605   1.00 4.90  ? 14 DMM A O12   1 
HETATM 304 C  C13   . DMM D 2 . ? -8.767  3.681   2.790   1.00 8.59  ? 14 DMM A C13   1 
HETATM 305 O  O13   . DMM D 2 . ? -10.054 3.205   2.891   1.00 10.78 ? 14 DMM A O13   1 
HETATM 306 C  C14   . DMM D 2 . ? -8.464  4.847   1.836   1.00 10.13 ? 14 DMM A C14   1 
HETATM 307 O  O14   . DMM D 2 . ? -9.637  5.606   1.553   1.00 11.34 ? 14 DMM A O14   1 
HETATM 308 C  C15   . DMM D 2 . ? -8.059  1.447   3.714   1.00 6.70  ? 14 DMM A C15   1 
HETATM 309 C  C16   . DMM D 2 . ? -7.115  0.674   4.612   1.00 7.51  ? 14 DMM A C16   1 
HETATM 310 C  C17   . DMM D 2 . ? -7.104  -0.727  4.531   1.00 7.13  ? 14 DMM A C17   1 
HETATM 311 O  O17   . DMM D 2 . ? -7.963  -1.262  3.615   1.00 8.69  ? 14 DMM A O17   1 
HETATM 312 C  C18   . DMM D 2 . ? -6.232  -1.494  5.335   1.00 7.85  ? 14 DMM A C18   1 
HETATM 313 C  C19   . DMM D 2 . ? -6.213  -2.891  5.261   1.00 7.47  ? 14 DMM A C19   1 
HETATM 314 O  O19   . DMM D 2 . ? -6.948  -3.586  4.425   1.00 8.30  ? 14 DMM A O19   1 
HETATM 315 C  C20   . DMM D 2 . ? -5.318  -3.623  6.056   1.00 8.14  ? 14 DMM A C20   1 
HETATM 316 C  C21   . DMM D 2 . ? -1.779  -4.222  9.199   1.00 8.88  ? 14 DMM A C21   1 
HETATM 317 C  "C1'" . DMM D 2 . ? -4.200  4.296   5.779   1.00 9.11  ? 14 DMM A "C1'" 1 
HETATM 318 C  "C2'" . DMM D 2 . ? -2.671  4.072   5.586   1.00 9.75  ? 14 DMM A "C2'" 1 
HETATM 319 C  "C3'" . DMM D 2 . ? -2.316  4.375   4.077   1.00 9.69  ? 14 DMM A "C3'" 1 
HETATM 320 C  "C4'" . DMM D 2 . ? -2.998  5.625   3.595   1.00 10.04 ? 14 DMM A "C4'" 1 
HETATM 321 O  "O4'" . DMM D 2 . ? -2.490  6.832   4.071   1.00 10.94 ? 14 DMM A "O4'" 1 
HETATM 322 C  "C5'" . DMM D 2 . ? -4.474  5.818   3.921   1.00 10.52 ? 14 DMM A "C5'" 1 
HETATM 323 O  "O5'" . DMM D 2 . ? -4.665  5.552   5.378   1.00 10.58 ? 14 DMM A "O5'" 1 
HETATM 324 C  "C6'" . DMM D 2 . ? -4.987  7.200   3.564   1.00 10.70 ? 14 DMM A "C6'" 1 
HETATM 325 N  "N3'" . DMM D 2 . ? -0.833  4.236   3.806   1.00 10.55 ? 14 DMM A "N3'" 1 
HETATM 326 C  C33   . DMM D 2 . ? -0.416  4.742   2.460   1.00 10.50 ? 14 DMM A C33   1 
HETATM 327 C  C23   . DMM D 2 . ? 1.118   4.852   2.409   1.00 10.19 ? 14 DMM A C23   1 
HETATM 328 O  O16   . DMM D 2 . ? 1.690   3.628   2.848   1.00 11.25 ? 14 DMM A O16   1 
HETATM 329 C  C63   . DMM D 2 . ? 1.096   2.697   3.872   1.00 10.40 ? 14 DMM A C63   1 
HETATM 330 C  C53   . DMM D 2 . ? -0.248  2.998   4.178   1.00 9.55  ? 14 DMM A C53   1 
HETATM 331 O  O23   . DMM D 2 . ? 1.685   5.917   3.168   1.00 10.66 ? 14 DMM A O23   1 
HETATM 332 C  C73   . DMM D 2 . ? 3.115   6.030   3.323   1.00 11.22 ? 14 DMM A C73   1 
HETATM 333 NA NA    . NA  E 3 . ? -3.679  -1.497  10.877  1.00 39.93 ? 17 NA  A NA    1 
HETATM 334 MG MG    . MG  F 4 . ? -6.953  -6.660  1.616   1.00 31.03 ? 15 MG  B MG    1 
HETATM 335 NA NA    . NA  G 3 . ? 6.754   5.727   -7.685  1.00 32.45 ? 16 NA  B NA    1 
HETATM 336 O  O     . HOH H 5 . ? 2.080   -6.325  6.134   1.00 13.13 ? 18 HOH A O     1 
HETATM 337 O  O     . HOH H 5 . ? 3.753   1.068   -12.833 1.00 16.33 ? 20 HOH A O     1 
HETATM 338 O  O     . HOH H 5 . ? 0.905   -6.426  1.896   1.00 20.45 ? 22 HOH A O     1 
HETATM 339 O  O     . HOH H 5 . ? 8.080   0.682   5.042   1.00 20.86 ? 23 HOH A O     1 
HETATM 340 O  O     . HOH H 5 . ? -12.458 2.436   4.843   1.00 21.02 ? 24 HOH A O     1 
HETATM 341 O  O     . HOH H 5 . ? 8.181   2.898   1.332   1.00 21.44 ? 25 HOH A O     1 
HETATM 342 O  O     . HOH H 5 . ? 1.513   2.162   -16.147 1.00 22.12 ? 26 HOH A O     1 
HETATM 343 O  O     . HOH H 5 . ? 8.867   -1.598  3.667   1.00 22.60 ? 27 HOH A O     1 
HETATM 344 O  O     . HOH H 5 . ? -1.914  7.847   7.335   1.00 22.96 ? 29 HOH A O     1 
HETATM 345 O  O     . HOH H 5 . ? -1.371  -6.977  4.648   1.00 23.07 ? 31 HOH A O     1 
HETATM 346 O  O     . HOH H 5 . ? 3.916   -0.881  -15.703 1.00 25.46 ? 36 HOH A O     1 
HETATM 347 O  O     . HOH H 5 . ? 0.153   5.521   6.233   1.00 26.71 ? 37 HOH A O     1 
HETATM 348 O  O     . HOH H 5 . ? -1.734  9.036   2.939   1.00 27.82 ? 40 HOH A O     1 
HETATM 349 O  O     . HOH H 5 . ? -2.809  -3.221  -3.299  1.00 29.32 ? 42 HOH A O     1 
HETATM 350 O  O     . HOH H 5 . ? -8.377  5.119   8.545   1.00 29.50 ? 43 HOH A O     1 
HETATM 351 O  O     . HOH H 5 . ? 13.524  -3.578  -1.116  1.00 30.44 ? 45 HOH A O     1 
HETATM 352 O  O     . HOH H 5 . ? 10.749  -4.466  -3.687  1.00 30.57 ? 47 HOH A O     1 
HETATM 353 O  O     . HOH H 5 . ? -8.128  -5.937  3.032   1.00 30.76 ? 48 HOH A O     1 
HETATM 354 O  O     . HOH H 5 . ? -2.116  -3.204  -7.214  1.00 31.97 ? 55 HOH A O     1 
HETATM 355 O  O     . HOH H 5 . ? -8.501  -7.581  0.842   1.00 32.08 ? 57 HOH A O     1 
HETATM 356 O  O     . HOH H 5 . ? 3.158   4.667   -12.941 1.00 32.86 ? 60 HOH A O     1 
HETATM 357 O  O     . HOH H 5 . ? -4.919  -4.142  -6.790  1.00 33.13 ? 63 HOH A O     1 
HETATM 358 O  O     . HOH H 5 . ? 3.706   6.640   -9.969  1.00 33.32 ? 64 HOH A O     1 
HETATM 359 O  O     . HOH H 5 . ? 0.255   -1.826  -9.867  1.00 34.76 ? 67 HOH A O     1 
HETATM 360 O  O     . HOH H 5 . ? -10.239 6.306   4.536   1.00 35.26 ? 69 HOH A O     1 
HETATM 361 O  O     . HOH H 5 . ? 11.093  -4.195  2.871   1.00 35.94 ? 70 HOH A O     1 
HETATM 362 O  O     . HOH H 5 . ? -3.088  -11.740 -1.997  1.00 37.46 ? 72 HOH A O     1 
HETATM 363 O  O     . HOH H 5 . ? -2.830  1.582   14.572  1.00 37.65 ? 73 HOH A O     1 
HETATM 364 O  O     . HOH H 5 . ? -3.254  -11.234 2.348   1.00 37.91 ? 74 HOH A O     1 
HETATM 365 O  O     . HOH H 5 . ? -7.181  9.274   5.356   1.00 38.25 ? 75 HOH A O     1 
HETATM 366 O  O     . HOH H 5 . ? 7.609   5.902   1.973   1.00 38.58 ? 77 HOH A O     1 
HETATM 367 O  O     . HOH H 5 . ? -2.378  -0.978  17.193  1.00 38.60 ? 78 HOH A O     1 
HETATM 368 O  O     . HOH H 5 . ? 0.535   -7.549  -8.081  1.00 38.75 ? 79 HOH A O     1 
HETATM 369 O  O     . HOH H 5 . ? 5.996   6.643   -10.873 1.00 38.89 ? 80 HOH A O     1 
HETATM 370 O  O     . HOH H 5 . ? -2.849  -3.564  12.342  1.00 39.39 ? 81 HOH A O     1 
HETATM 371 O  O     . HOH H 5 . ? -10.196 4.146   7.230   1.00 39.83 ? 84 HOH A O     1 
HETATM 372 O  O     . HOH H 5 . ? -1.954  -0.433  12.148  1.00 39.92 ? 85 HOH A O     1 
HETATM 373 O  O     . HOH H 5 . ? -0.178  -11.098 -0.553  1.00 39.96 ? 86 HOH A O     1 
HETATM 374 O  O     . HOH H 5 . ? -5.609  -1.204  12.646  1.00 40.23 ? 87 HOH A O     1 
HETATM 375 O  O     . HOH H 5 . ? 1.284   -0.201  -12.352 1.00 40.63 ? 88 HOH A O     1 
HETATM 376 O  O     . HOH H 5 . ? 2.109   -2.855  -14.072 1.00 40.75 ? 89 HOH A O     1 
HETATM 377 O  O     . HOH H 5 . ? -4.816  -4.925  13.672  1.00 40.94 ? 90 HOH A O     1 
HETATM 378 O  O     . HOH H 5 . ? 0.803   -8.152  0.121   1.00 41.03 ? 91 HOH A O     1 
HETATM 379 O  O     . HOH H 5 . ? -5.154  -0.582  -8.202  1.00 41.93 ? 92 HOH A O     1 
HETATM 380 O  O     . HOH H 5 . ? 0.695   8.513   4.105   1.00 41.99 ? 93 HOH A O     1 
HETATM 381 O  O     . HOH H 5 . ? 0.279   -0.213  13.044  1.00 44.20 ? 95 HOH A O     1 
HETATM 382 O  O     . HOH H 5 . ? -3.777  -2.722  15.733  1.00 44.98 ? 96 HOH A O     1 
HETATM 383 O  O     . HOH I 5 . ? -0.391  7.839   -5.494  1.00 14.66 ? 19 HOH B O     1 
HETATM 384 O  O     . HOH I 5 . ? 4.009   8.907   -4.625  1.00 18.64 ? 21 HOH B O     1 
HETATM 385 O  O     . HOH I 5 . ? -10.083 -6.670  9.057   1.00 22.60 ? 28 HOH B O     1 
HETATM 386 O  O     . HOH I 5 . ? -9.834  -3.121  -1.542  1.00 23.04 ? 30 HOH B O     1 
HETATM 387 O  O     . HOH I 5 . ? -0.727  -9.341  -4.561  1.00 24.14 ? 32 HOH B O     1 
HETATM 388 O  O     . HOH I 5 . ? -1.040  4.078   -7.471  1.00 24.17 ? 33 HOH B O     1 
HETATM 389 O  O     . HOH I 5 . ? -7.879  -6.408  8.235   1.00 24.54 ? 34 HOH B O     1 
HETATM 390 O  O     . HOH I 5 . ? -1.782  6.351   -5.540  1.00 24.91 ? 35 HOH B O     1 
HETATM 391 O  O     . HOH I 5 . ? -11.656 -0.166  -4.800  1.00 27.00 ? 38 HOH B O     1 
HETATM 392 O  O     . HOH I 5 . ? -15.014 -5.594  3.360   1.00 27.10 ? 39 HOH B O     1 
HETATM 393 O  O     . HOH I 5 . ? -3.551  -8.676  -3.376  1.00 28.65 ? 41 HOH B O     1 
HETATM 394 O  O     . HOH I 5 . ? 10.475  6.594   -7.027  1.00 30.32 ? 44 HOH B O     1 
HETATM 395 O  O     . HOH I 5 . ? 7.206   4.601   -9.638  1.00 30.53 ? 46 HOH B O     1 
HETATM 396 O  O     . HOH I 5 . ? -6.503  -8.404  2.756   1.00 30.80 ? 49 HOH B O     1 
HETATM 397 O  O     . HOH I 5 . ? -5.202  -5.995  2.346   1.00 30.90 ? 50 HOH B O     1 
HETATM 398 O  O     . HOH I 5 . ? -7.181  -5.082  0.563   1.00 31.10 ? 51 HOH B O     1 
HETATM 399 O  O     . HOH I 5 . ? -10.943 -8.599  7.314   1.00 31.13 ? 52 HOH B O     1 
HETATM 400 O  O     . HOH I 5 . ? -8.466  -4.575  -3.195  1.00 31.45 ? 53 HOH B O     1 
HETATM 401 O  O     . HOH I 5 . ? -6.325  -5.301  -3.565  1.00 31.63 ? 54 HOH B O     1 
HETATM 402 O  O     . HOH I 5 . ? 12.365  7.735   -5.456  1.00 32.05 ? 56 HOH B O     1 
HETATM 403 O  O     . HOH I 5 . ? -5.603  -7.487  0.207   1.00 32.38 ? 58 HOH B O     1 
HETATM 404 O  O     . HOH I 5 . ? 7.998   7.311   -6.614  1.00 32.77 ? 59 HOH B O     1 
HETATM 405 O  O     . HOH I 5 . ? -4.575  3.921   -4.991  1.00 33.08 ? 61 HOH B O     1 
HETATM 406 O  O     . HOH I 5 . ? 11.694  10.491  -8.493  1.00 33.11 ? 62 HOH B O     1 
HETATM 407 O  O     . HOH I 5 . ? 6.933   8.172   -9.002  1.00 34.01 ? 65 HOH B O     1 
HETATM 408 O  O     . HOH I 5 . ? -7.136  -6.098  10.489  1.00 34.19 ? 66 HOH B O     1 
HETATM 409 O  O     . HOH I 5 . ? -2.917  -6.414  -4.975  1.00 34.99 ? 68 HOH B O     1 
HETATM 410 O  O     . HOH I 5 . ? -2.714  1.901   -5.580  1.00 36.01 ? 71 HOH B O     1 
HETATM 411 O  O     . HOH I 5 . ? -3.991  -5.910  -1.499  1.00 38.48 ? 76 HOH B O     1 
HETATM 412 O  O     . HOH I 5 . ? -6.300  -0.581  -5.440  1.00 39.39 ? 82 HOH B O     1 
HETATM 413 O  O     . HOH I 5 . ? -6.879  -9.545  8.909   1.00 39.68 ? 83 HOH B O     1 
HETATM 414 O  O     . HOH I 5 . ? -2.017  1.814   -8.499  1.00 43.90 ? 94 HOH B O     1 
# 
